data_3WY1
#
_entry.id   3WY1
#
_cell.length_a   60.540
_cell.length_b   119.590
_cell.length_c   177.970
_cell.angle_alpha   90.00
_cell.angle_beta   90.00
_cell.angle_gamma   90.00
#
_symmetry.space_group_name_H-M   'P 21 21 21'
#
loop_
_entity.id
_entity.type
_entity.pdbx_description
1 polymer Alpha-glucosidase
2 non-polymer 'MAGNESIUM ION'
3 non-polymer GLYCEROL
4 non-polymer '(3R,5R,7R)-octane-1,3,5,7-tetracarboxylic acid'
5 water water
#
_entity_poly.entity_id   1
_entity_poly.type   'polypeptide(L)'
_entity_poly.pdbx_seq_one_letter_code
;MQDNMMWWRGGVIYQIYPRSFLDSRGDGVGDLNGITEKLDYVASLNVDGIWLSPFFTSPMLDFGYDVSDYRDVDPMFGTL
EDFKALLEKAHSLGLKVMIDQVISHTSDQHPWFQESRQNRTNPKADWFVWADPKPDGTPPNNWLSIFGGSAWTFDSRRQQ
YYLHNFLTSQPDVNFHHPEARQAQLDNMRFWLDLGVDGFRLDTVNFYFHDAELRDNPPVPKGEAKTLGAPEANPYTWQRH
VYDLSRPENLDFLKDLRALMDEYPGTTTVGEIGDDNPLERMAEYTAGGDKLHMAYTFDLLNMPHSASYLREVIERFQRLA
GDAWPCWATSNHDVVRSATRWGADEDPHAYPKVMLAVLFSLRGSVCLYQGEELGLPEADVPFERIQDPYGKVLWPEFKGR
DGCRTPMPWTDGEQGGFSPVEPWLPMEARHLELAVSRQQDDPNATLNTVRALLAFRRSHPALFDGDLSLVDVGDDLLGFT
RQKGDETLLCVFNLTGQEQQTTLPVEVASDLPVAHFTATRDGSTLTLPAYQAAFMQVA
;
_entity_poly.pdbx_strand_id   A,B
#
# COMPACT_ATOMS: atom_id res chain seq x y z
N ASN A 4 -21.21 -0.95 27.57
CA ASN A 4 -19.79 -1.07 27.24
C ASN A 4 -18.93 -0.09 28.03
N MET A 5 -19.09 -0.11 29.35
CA MET A 5 -18.36 0.82 30.22
C MET A 5 -16.95 0.31 30.48
N MET A 6 -16.57 -0.79 29.81
CA MET A 6 -15.24 -1.36 29.94
C MET A 6 -14.48 -1.38 28.61
N TRP A 7 -14.91 -0.51 27.69
CA TRP A 7 -14.25 -0.33 26.40
C TRP A 7 -12.77 0.03 26.57
N TRP A 8 -12.45 0.75 27.63
CA TRP A 8 -11.10 1.25 27.82
C TRP A 8 -10.15 0.10 28.16
N ARG A 9 -10.68 -1.02 28.65
CA ARG A 9 -9.83 -2.10 29.14
C ARG A 9 -9.44 -3.07 28.03
N GLY A 10 -8.58 -2.60 27.13
CA GLY A 10 -8.21 -3.36 25.96
C GLY A 10 -8.40 -2.54 24.71
N GLY A 11 -9.02 -1.37 24.85
CA GLY A 11 -9.27 -0.51 23.70
C GLY A 11 -7.98 0.03 23.07
N VAL A 12 -8.07 0.44 21.82
CA VAL A 12 -6.94 0.99 21.08
C VAL A 12 -7.15 2.48 20.85
N ILE A 13 -6.25 3.29 21.40
CA ILE A 13 -6.36 4.75 21.37
C ILE A 13 -5.35 5.35 20.39
N TYR A 14 -5.79 6.32 19.60
CA TYR A 14 -4.91 7.00 18.64
C TYR A 14 -4.45 8.34 19.25
N GLN A 15 -3.15 8.52 19.47
CA GLN A 15 -2.64 9.76 20.06
C GLN A 15 -2.44 10.81 18.99
N ILE A 16 -3.15 11.91 19.14
CA ILE A 16 -2.99 13.06 18.26
C ILE A 16 -2.19 14.16 18.95
N TYR A 17 -1.17 14.67 18.26
CA TYR A 17 -0.38 15.82 18.71
C TYR A 17 -0.89 17.01 17.91
N PRO A 18 -1.82 17.76 18.51
CA PRO A 18 -2.59 18.79 17.79
C PRO A 18 -1.76 19.74 16.92
N ARG A 19 -0.60 20.19 17.41
CA ARG A 19 0.27 21.10 16.65
C ARG A 19 0.67 20.60 15.27
N SER A 20 0.73 19.29 15.13
CA SER A 20 1.35 18.68 13.97
C SER A 20 0.42 17.72 13.23
N PHE A 21 -0.88 17.88 13.44
CA PHE A 21 -1.85 17.01 12.78
C PHE A 21 -2.36 17.65 11.49
N LEU A 22 -3.11 18.74 11.60
CA LEU A 22 -3.58 19.47 10.42
C LEU A 22 -3.87 20.95 10.70
N ASP A 23 -3.24 21.82 9.90
CA ASP A 23 -3.47 23.27 9.99
C ASP A 23 -4.63 23.63 9.06
N SER A 24 -5.75 24.04 9.63
CA SER A 24 -6.90 24.40 8.81
C SER A 24 -7.04 25.91 8.62
N ARG A 25 -6.23 26.67 9.34
CA ARG A 25 -6.39 28.13 9.30
C ARG A 25 -5.29 28.87 8.53
N GLY A 26 -4.09 28.28 8.42
CA GLY A 26 -3.05 28.84 7.57
C GLY A 26 -1.86 29.50 8.26
N ASP A 27 -1.68 29.20 9.55
CA ASP A 27 -0.58 29.81 10.31
C ASP A 27 0.61 28.85 10.47
N GLY A 28 0.48 27.63 9.95
CA GLY A 28 1.57 26.66 10.00
C GLY A 28 1.55 25.77 11.24
N VAL A 29 0.56 25.98 12.09
CA VAL A 29 0.39 25.21 13.31
C VAL A 29 -0.93 24.44 13.22
N GLY A 30 -0.91 23.16 13.56
CA GLY A 30 -2.11 22.35 13.58
C GLY A 30 -3.13 22.89 14.57
N ASP A 31 -4.41 22.76 14.24
CA ASP A 31 -5.47 23.28 15.09
C ASP A 31 -6.56 22.23 15.31
N LEU A 32 -7.53 22.55 16.15
CA LEU A 32 -8.60 21.59 16.47
C LEU A 32 -9.50 21.28 15.28
N ASN A 33 -9.82 22.32 14.51
CA ASN A 33 -10.69 22.17 13.35
C ASN A 33 -10.11 21.24 12.28
N GLY A 34 -8.78 21.20 12.19
CA GLY A 34 -8.10 20.25 11.31
C GLY A 34 -8.34 18.82 11.74
N ILE A 35 -8.24 18.59 13.04
CA ILE A 35 -8.55 17.29 13.63
C ILE A 35 -9.99 16.90 13.31
N THR A 36 -10.90 17.84 13.56
CA THR A 36 -12.31 17.61 13.26
C THR A 36 -12.46 17.19 11.80
N GLU A 37 -11.75 17.90 10.93
CA GLU A 37 -11.74 17.59 9.50
C GLU A 37 -11.21 16.19 9.19
N LYS A 38 -10.33 15.66 10.05
CA LYS A 38 -9.72 14.35 9.76
C LYS A 38 -10.21 13.17 10.62
N LEU A 39 -11.25 13.41 11.41
CA LEU A 39 -11.83 12.35 12.23
C LEU A 39 -12.33 11.14 11.43
N ASP A 40 -12.67 11.36 10.16
CA ASP A 40 -13.12 10.27 9.30
C ASP A 40 -11.96 9.33 9.02
N TYR A 41 -10.81 9.90 8.71
CA TYR A 41 -9.58 9.11 8.60
C TYR A 41 -9.32 8.35 9.90
N VAL A 42 -9.33 9.08 11.00
CA VAL A 42 -9.05 8.46 12.29
C VAL A 42 -9.96 7.27 12.56
N ALA A 43 -11.25 7.47 12.40
CA ALA A 43 -12.23 6.39 12.53
C ALA A 43 -11.94 5.25 11.56
N SER A 44 -11.45 5.59 10.36
CA SER A 44 -11.13 4.59 9.34
C SER A 44 -9.93 3.73 9.73
N LEU A 45 -9.21 4.16 10.77
CA LEU A 45 -8.12 3.30 11.27
C LEU A 45 -8.61 2.07 12.05
N ASN A 46 -9.89 2.07 12.41
CA ASN A 46 -10.51 1.04 13.27
C ASN A 46 -10.05 1.10 14.73
N VAL A 47 -9.53 2.27 15.14
CA VAL A 47 -9.24 2.55 16.55
C VAL A 47 -10.51 2.86 17.32
N ASP A 48 -10.47 2.75 18.64
CA ASP A 48 -11.66 3.00 19.44
C ASP A 48 -11.79 4.43 19.89
N GLY A 49 -10.72 5.20 19.74
CA GLY A 49 -10.76 6.58 20.19
C GLY A 49 -9.45 7.32 20.05
N ILE A 50 -9.42 8.52 20.59
CA ILE A 50 -8.23 9.35 20.52
C ILE A 50 -7.82 9.97 21.86
N TRP A 51 -6.53 10.27 21.96
CA TRP A 51 -6.00 11.03 23.06
C TRP A 51 -5.33 12.27 22.46
N LEU A 52 -5.81 13.43 22.89
CA LEU A 52 -5.27 14.69 22.43
C LEU A 52 -4.20 15.20 23.39
N SER A 53 -3.01 15.48 22.86
CA SER A 53 -1.99 16.18 23.63
C SER A 53 -2.53 17.58 23.92
N PRO A 54 -1.91 18.30 24.88
CA PRO A 54 -2.52 19.54 25.38
C PRO A 54 -2.84 20.59 24.32
N PHE A 55 -4.03 21.17 24.41
CA PHE A 55 -4.45 22.23 23.52
C PHE A 55 -4.97 23.40 24.34
N PHE A 56 -4.61 23.41 25.62
CA PHE A 56 -5.08 24.41 26.58
C PHE A 56 -4.27 25.69 26.51
N THR A 57 -4.79 26.77 27.10
CA THR A 57 -4.07 28.05 27.13
C THR A 57 -2.69 27.84 27.72
N SER A 58 -1.68 28.32 27.00
CA SER A 58 -0.28 28.01 27.32
C SER A 58 0.66 28.95 26.57
N PRO A 59 1.76 29.37 27.21
CA PRO A 59 2.86 30.08 26.52
C PRO A 59 3.60 29.22 25.51
N MET A 60 3.35 27.90 25.56
CA MET A 60 3.93 26.92 24.65
C MET A 60 5.44 26.72 24.84
N LEU A 61 5.97 27.05 26.01
CA LEU A 61 7.40 26.86 26.24
C LEU A 61 7.76 25.37 26.28
N ASP A 62 6.84 24.52 26.74
CA ASP A 62 6.97 23.07 26.60
C ASP A 62 5.80 22.60 25.74
N PHE A 63 5.46 23.44 24.78
CA PHE A 63 4.47 23.13 23.76
C PHE A 63 3.19 22.47 24.28
N GLY A 64 2.55 23.17 25.20
CA GLY A 64 1.25 22.76 25.69
C GLY A 64 1.31 22.21 27.11
N TYR A 65 2.46 21.66 27.48
CA TYR A 65 2.59 21.05 28.79
C TYR A 65 2.89 22.07 29.90
N ASP A 66 2.97 23.36 29.53
CA ASP A 66 3.00 24.45 30.50
C ASP A 66 1.69 25.21 30.39
N VAL A 67 0.74 24.84 31.23
CA VAL A 67 -0.65 25.30 31.12
C VAL A 67 -0.89 26.55 31.95
N SER A 68 -1.47 27.58 31.33
CA SER A 68 -1.77 28.83 32.05
C SER A 68 -3.27 29.00 32.32
N ASP A 69 -4.10 28.21 31.67
CA ASP A 69 -5.52 28.16 31.98
C ASP A 69 -6.03 26.78 31.66
N TYR A 70 -6.40 26.05 32.71
CA TYR A 70 -6.84 24.66 32.55
C TYR A 70 -8.19 24.49 31.86
N ARG A 71 -9.00 25.54 31.84
CA ARG A 71 -10.39 25.39 31.37
C ARG A 71 -10.67 26.18 30.10
N ASP A 72 -9.67 26.30 29.23
CA ASP A 72 -9.85 27.00 27.97
C ASP A 72 -8.88 26.47 26.91
N VAL A 73 -9.22 26.73 25.65
CA VAL A 73 -8.38 26.36 24.54
C VAL A 73 -7.51 27.56 24.18
N ASP A 74 -6.21 27.33 23.95
CA ASP A 74 -5.33 28.38 23.51
C ASP A 74 -5.76 28.88 22.12
N PRO A 75 -5.75 30.21 21.94
CA PRO A 75 -6.17 30.85 20.69
C PRO A 75 -5.51 30.24 19.46
N MET A 76 -4.29 29.74 19.65
CA MET A 76 -3.53 29.10 18.59
C MET A 76 -4.21 27.82 18.11
N PHE A 77 -4.92 27.14 18.99
CA PHE A 77 -5.59 25.89 18.60
C PHE A 77 -7.04 26.08 18.19
N GLY A 78 -7.61 27.23 18.54
CA GLY A 78 -8.99 27.53 18.21
C GLY A 78 -9.74 28.01 19.42
N THR A 79 -10.99 27.55 19.56
CA THR A 79 -11.81 27.92 20.70
C THR A 79 -12.43 26.71 21.38
N LEU A 80 -13.07 26.97 22.51
CA LEU A 80 -13.76 25.95 23.27
C LEU A 80 -14.91 25.38 22.42
N GLU A 81 -15.52 26.24 21.61
CA GLU A 81 -16.58 25.79 20.70
C GLU A 81 -16.05 24.82 19.66
N ASP A 82 -14.85 25.11 19.16
CA ASP A 82 -14.18 24.21 18.22
C ASP A 82 -14.02 22.84 18.86
N PHE A 83 -13.64 22.84 20.13
CA PHE A 83 -13.46 21.59 20.85
C PHE A 83 -14.77 20.83 21.02
N LYS A 84 -15.85 21.53 21.37
CA LYS A 84 -17.15 20.88 21.52
C LYS A 84 -17.61 20.26 20.21
N ALA A 85 -17.32 20.96 19.10
CA ALA A 85 -17.63 20.42 17.78
C ALA A 85 -16.83 19.16 17.49
N LEU A 86 -15.55 19.20 17.84
CA LEU A 86 -14.66 18.06 17.64
C LEU A 86 -15.18 16.87 18.41
N LEU A 87 -15.54 17.12 19.67
CA LEU A 87 -16.00 16.08 20.56
C LEU A 87 -17.27 15.45 20.03
N GLU A 88 -18.19 16.29 19.57
CA GLU A 88 -19.49 15.80 19.12
C GLU A 88 -19.33 14.99 17.84
N LYS A 89 -18.53 15.49 16.90
CA LYS A 89 -18.32 14.76 15.66
C LYS A 89 -17.65 13.43 15.95
N ALA A 90 -16.72 13.44 16.90
CA ALA A 90 -16.00 12.23 17.24
C ALA A 90 -16.94 11.17 17.79
N HIS A 91 -17.83 11.60 18.68
CA HIS A 91 -18.85 10.71 19.22
C HIS A 91 -19.77 10.17 18.12
N SER A 92 -20.11 11.01 17.15
CA SER A 92 -20.98 10.58 16.05
C SER A 92 -20.33 9.49 15.20
N LEU A 93 -19.01 9.42 15.22
CA LEU A 93 -18.28 8.40 14.49
C LEU A 93 -17.96 7.17 15.35
N GLY A 94 -18.48 7.14 16.58
CA GLY A 94 -18.20 6.05 17.49
C GLY A 94 -16.83 6.11 18.17
N LEU A 95 -16.19 7.28 18.15
CA LEU A 95 -14.88 7.46 18.76
C LEU A 95 -14.96 8.03 20.18
N LYS A 96 -14.22 7.43 21.10
CA LYS A 96 -14.03 8.03 22.42
C LYS A 96 -13.02 9.16 22.29
N VAL A 97 -13.19 10.21 23.09
CA VAL A 97 -12.22 11.31 23.13
C VAL A 97 -11.63 11.49 24.52
N MET A 98 -10.32 11.26 24.62
CA MET A 98 -9.58 11.53 25.83
C MET A 98 -8.63 12.72 25.57
N ILE A 99 -8.36 13.50 26.61
CA ILE A 99 -7.43 14.62 26.50
C ILE A 99 -6.39 14.56 27.60
N ASP A 100 -5.25 15.18 27.35
CA ASP A 100 -4.19 15.28 28.34
C ASP A 100 -4.71 16.08 29.52
N GLN A 101 -4.27 15.74 30.72
CA GLN A 101 -4.44 16.63 31.86
C GLN A 101 -3.11 16.77 32.53
N VAL A 102 -2.66 18.01 32.71
CA VAL A 102 -1.30 18.24 33.19
C VAL A 102 -1.37 18.95 34.54
N ILE A 103 -1.55 18.17 35.60
CA ILE A 103 -1.85 18.74 36.91
C ILE A 103 -0.68 18.69 37.89
N SER A 104 0.42 18.06 37.49
CA SER A 104 1.61 18.00 38.33
C SER A 104 2.32 19.35 38.43
N HIS A 105 2.13 20.20 37.42
CA HIS A 105 2.76 21.52 37.38
C HIS A 105 1.95 22.44 36.48
N THR A 106 2.08 23.75 36.72
CA THR A 106 1.44 24.75 35.87
C THR A 106 2.54 25.55 35.17
N SER A 107 2.15 26.38 34.21
CA SER A 107 3.03 27.38 33.65
C SER A 107 3.32 28.39 34.75
N ASP A 108 4.45 29.08 34.68
CA ASP A 108 4.69 30.14 35.65
C ASP A 108 3.83 31.35 35.30
N GLN A 109 3.16 31.28 34.15
CA GLN A 109 2.18 32.31 33.77
C GLN A 109 0.78 32.02 34.33
N HIS A 110 0.60 30.85 34.94
CA HIS A 110 -0.69 30.53 35.54
C HIS A 110 -0.93 31.45 36.74
N PRO A 111 -2.15 32.01 36.85
CA PRO A 111 -2.51 32.95 37.94
C PRO A 111 -2.16 32.43 39.33
N TRP A 112 -2.31 31.12 39.56
CA TRP A 112 -1.94 30.55 40.87
C TRP A 112 -0.49 30.80 41.19
N PHE A 113 0.38 30.60 40.21
CA PHE A 113 1.79 30.78 40.49
C PHE A 113 2.18 32.25 40.57
N GLN A 114 1.63 33.07 39.67
CA GLN A 114 1.82 34.52 39.76
C GLN A 114 1.50 35.01 41.16
N GLU A 115 0.40 34.52 41.71
CA GLU A 115 0.01 34.91 43.07
C GLU A 115 0.97 34.34 44.09
N SER A 116 1.20 33.03 44.00
CA SER A 116 2.01 32.27 44.96
C SER A 116 3.39 32.88 45.17
N ARG A 117 4.02 33.30 44.07
CA ARG A 117 5.40 33.77 44.12
C ARG A 117 5.57 35.16 44.75
N GLN A 118 4.49 35.91 44.94
CA GLN A 118 4.64 37.31 45.39
C GLN A 118 5.31 37.44 46.77
N ASN A 119 4.99 36.52 47.67
CA ASN A 119 5.54 36.58 49.04
C ASN A 119 5.31 35.24 49.74
N ARG A 120 5.65 35.14 51.03
CA ARG A 120 5.50 33.86 51.71
C ARG A 120 4.15 33.67 52.42
N THR A 121 3.26 34.65 52.38
CA THR A 121 2.04 34.62 53.23
C THR A 121 0.72 34.66 52.46
N ASN A 122 0.78 35.01 51.18
CA ASN A 122 -0.45 35.10 50.37
C ASN A 122 -1.20 33.75 50.38
N PRO A 123 -2.50 33.76 50.02
CA PRO A 123 -3.30 32.54 50.10
C PRO A 123 -2.75 31.34 49.32
N LYS A 124 -1.99 31.60 48.25
CA LYS A 124 -1.48 30.48 47.47
C LYS A 124 0.01 30.25 47.66
N ALA A 125 0.56 30.78 48.75
CA ALA A 125 1.99 30.65 49.04
C ALA A 125 2.46 29.19 49.09
N ASP A 126 1.58 28.31 49.55
CA ASP A 126 1.94 26.92 49.76
C ASP A 126 1.32 26.03 48.68
N TRP A 127 0.73 26.64 47.65
CA TRP A 127 0.18 25.83 46.56
C TRP A 127 1.30 25.30 45.66
N PHE A 128 2.48 25.90 45.79
CA PHE A 128 3.63 25.38 45.05
C PHE A 128 4.72 25.00 46.05
N VAL A 129 5.85 24.53 45.55
CA VAL A 129 6.85 23.91 46.40
C VAL A 129 8.04 24.82 46.60
N TRP A 130 8.00 25.57 47.70
CA TRP A 130 9.00 26.57 48.04
C TRP A 130 9.87 26.12 49.20
N ALA A 131 11.14 26.49 49.19
CA ALA A 131 12.05 26.16 50.29
C ALA A 131 13.17 27.19 50.37
N ASP A 132 13.64 27.46 51.59
CA ASP A 132 14.79 28.34 51.78
C ASP A 132 16.03 27.76 51.12
N PRO A 133 16.94 28.64 50.65
CA PRO A 133 18.28 28.20 50.26
C PRO A 133 18.98 27.55 51.44
N LYS A 134 19.98 26.71 51.18
CA LYS A 134 20.94 26.32 52.21
C LYS A 134 21.68 27.58 52.70
N PRO A 135 22.38 27.50 53.85
CA PRO A 135 23.09 28.69 54.38
C PRO A 135 24.08 29.34 53.41
N ASP A 136 24.60 28.60 52.44
CA ASP A 136 25.48 29.15 51.42
C ASP A 136 24.71 29.68 50.21
N GLY A 137 23.39 29.68 50.30
CA GLY A 137 22.56 30.26 49.26
C GLY A 137 22.17 29.32 48.13
N THR A 138 22.63 28.07 48.21
CA THR A 138 22.44 27.08 47.14
C THR A 138 21.10 26.34 47.25
N PRO A 139 20.70 25.58 46.20
CA PRO A 139 19.44 24.83 46.24
C PRO A 139 19.27 23.92 47.46
N PRO A 140 18.01 23.72 47.88
CA PRO A 140 17.76 22.97 49.13
C PRO A 140 18.19 21.50 49.09
N ASN A 141 18.25 20.91 47.90
CA ASN A 141 18.76 19.54 47.78
C ASN A 141 19.33 19.22 46.40
N ASN A 142 19.60 17.93 46.16
CA ASN A 142 20.31 17.54 44.96
C ASN A 142 19.44 17.19 43.75
N TRP A 143 18.14 17.46 43.84
CA TRP A 143 17.21 17.10 42.77
C TRP A 143 17.50 17.90 41.50
N LEU A 144 17.42 17.23 40.36
CA LEU A 144 17.78 17.82 39.07
C LEU A 144 16.54 17.91 38.17
N SER A 145 16.46 18.98 37.39
CA SER A 145 15.41 19.05 36.38
C SER A 145 15.70 18.08 35.24
N ILE A 146 14.67 17.39 34.78
CA ILE A 146 14.82 16.52 33.62
C ILE A 146 15.30 17.33 32.40
N PHE A 147 14.89 18.59 32.35
CA PHE A 147 15.23 19.45 31.21
C PHE A 147 16.51 20.26 31.42
N GLY A 148 17.28 19.93 32.46
CA GLY A 148 18.62 20.53 32.61
C GLY A 148 18.80 21.39 33.85
N GLY A 149 19.93 21.23 34.54
CA GLY A 149 20.18 21.98 35.75
C GLY A 149 19.38 21.54 36.98
N SER A 150 19.53 22.28 38.07
CA SER A 150 18.84 21.99 39.33
C SER A 150 17.32 22.01 39.18
N ALA A 151 16.62 21.19 39.96
CA ALA A 151 15.15 21.22 39.98
C ALA A 151 14.62 22.42 40.75
N TRP A 152 15.53 23.25 41.27
CA TRP A 152 15.15 24.42 42.07
C TRP A 152 15.59 25.73 41.43
N THR A 153 14.69 26.71 41.39
CA THR A 153 15.05 28.01 40.83
C THR A 153 14.78 29.12 41.86
N PHE A 154 15.76 30.00 42.03
CA PHE A 154 15.66 31.06 43.02
C PHE A 154 14.73 32.19 42.58
N ASP A 155 13.88 32.66 43.48
CA ASP A 155 13.01 33.77 43.15
C ASP A 155 13.23 34.88 44.16
N SER A 156 13.65 36.05 43.70
CA SER A 156 14.03 37.14 44.60
C SER A 156 12.88 37.64 45.47
N ARG A 157 11.65 37.56 44.98
CA ARG A 157 10.49 38.04 45.71
C ARG A 157 10.34 37.37 47.07
N ARG A 158 10.56 36.06 47.11
CA ARG A 158 10.38 35.31 48.36
C ARG A 158 11.71 34.96 49.01
N GLN A 159 12.80 35.22 48.29
CA GLN A 159 14.13 34.79 48.74
C GLN A 159 14.13 33.29 49.03
N GLN A 160 13.45 32.54 48.15
CA GLN A 160 13.33 31.11 48.29
C GLN A 160 13.42 30.47 46.92
N TYR A 161 13.74 29.17 46.90
CA TYR A 161 13.69 28.40 45.67
C TYR A 161 12.31 27.78 45.45
N TYR A 162 11.86 27.69 44.21
CA TYR A 162 10.70 26.86 43.91
C TYR A 162 11.11 25.65 43.10
N LEU A 163 10.33 24.57 43.23
CA LEU A 163 10.64 23.30 42.59
C LEU A 163 10.06 23.22 41.19
N HIS A 164 10.81 22.61 40.28
CA HIS A 164 10.30 22.28 38.96
C HIS A 164 11.04 21.06 38.40
N ASN A 165 10.32 19.94 38.24
CA ASN A 165 10.96 18.76 37.66
C ASN A 165 11.28 18.98 36.20
N PHE A 166 10.52 19.87 35.58
CA PHE A 166 10.70 20.19 34.17
C PHE A 166 11.24 21.59 33.98
N LEU A 167 10.68 22.37 33.06
CA LEU A 167 11.25 23.71 32.79
C LEU A 167 11.15 24.62 34.03
N THR A 168 12.00 25.65 34.08
CA THR A 168 11.87 26.65 35.13
C THR A 168 10.49 27.30 35.08
N SER A 169 9.90 27.32 33.89
CA SER A 169 8.58 27.90 33.67
C SER A 169 7.45 26.89 33.89
N GLN A 170 7.77 25.74 34.50
CA GLN A 170 6.75 24.75 34.88
C GLN A 170 6.87 24.43 36.37
N PRO A 171 6.55 25.40 37.24
CA PRO A 171 6.64 25.10 38.68
C PRO A 171 5.71 23.97 39.13
N ASP A 172 6.23 23.07 39.94
CA ASP A 172 5.44 21.96 40.46
C ASP A 172 4.39 22.40 41.52
N VAL A 173 3.20 21.83 41.41
CA VAL A 173 2.14 22.05 42.39
C VAL A 173 2.44 21.21 43.62
N ASN A 174 2.19 21.80 44.79
CA ASN A 174 2.39 21.13 46.07
C ASN A 174 1.16 20.32 46.46
N PHE A 175 1.16 19.02 46.14
CA PHE A 175 -0.01 18.18 46.42
C PHE A 175 -0.19 17.91 47.90
N HIS A 176 0.77 18.32 48.71
CA HIS A 176 0.57 18.22 50.15
C HIS A 176 -0.46 19.23 50.63
N HIS A 177 -0.85 20.15 49.76
CA HIS A 177 -1.89 21.12 50.09
C HIS A 177 -3.22 20.65 49.53
N PRO A 178 -4.12 20.19 50.42
CA PRO A 178 -5.38 19.57 50.00
C PRO A 178 -6.21 20.48 49.08
N GLU A 179 -6.15 21.78 49.30
CA GLU A 179 -6.91 22.70 48.46
C GLU A 179 -6.36 22.78 47.03
N ALA A 180 -5.04 22.69 46.88
CA ALA A 180 -4.46 22.66 45.55
C ALA A 180 -4.90 21.36 44.86
N ARG A 181 -4.83 20.25 45.59
CA ARG A 181 -5.31 18.96 45.05
C ARG A 181 -6.76 19.02 44.55
N GLN A 182 -7.63 19.56 45.42
CA GLN A 182 -9.05 19.65 45.10
C GLN A 182 -9.27 20.55 43.89
N ALA A 183 -8.49 21.64 43.83
CA ALA A 183 -8.57 22.55 42.68
C ALA A 183 -8.20 21.82 41.38
N GLN A 184 -7.23 20.91 41.46
CA GLN A 184 -6.91 20.17 40.24
C GLN A 184 -8.03 19.18 39.87
N LEU A 185 -8.60 18.52 40.87
CA LEU A 185 -9.79 17.70 40.62
C LEU A 185 -10.93 18.50 39.97
N ASP A 186 -11.17 19.72 40.47
CA ASP A 186 -12.19 20.60 39.91
C ASP A 186 -11.90 20.93 38.45
N ASN A 187 -10.62 21.21 38.17
CA ASN A 187 -10.20 21.45 36.80
C ASN A 187 -10.47 20.25 35.89
N MET A 188 -10.20 19.03 36.37
CA MET A 188 -10.54 17.84 35.57
C MET A 188 -12.07 17.70 35.38
N ARG A 189 -12.82 17.97 36.46
CA ARG A 189 -14.27 17.84 36.45
C ARG A 189 -14.86 18.72 35.36
N PHE A 190 -14.23 19.88 35.14
CA PHE A 190 -14.67 20.78 34.09
C PHE A 190 -14.77 20.09 32.73
N TRP A 191 -13.77 19.27 32.41
CA TRP A 191 -13.75 18.60 31.12
C TRP A 191 -14.64 17.38 31.14
N LEU A 192 -14.79 16.76 32.31
CA LEU A 192 -15.75 15.66 32.42
C LEU A 192 -17.17 16.13 32.12
N ASP A 193 -17.51 17.33 32.62
CA ASP A 193 -18.85 17.90 32.45
C ASP A 193 -19.16 18.29 31.02
N LEU A 194 -18.12 18.43 30.19
CA LEU A 194 -18.31 18.66 28.76
C LEU A 194 -18.52 17.33 28.03
N GLY A 195 -18.30 16.23 28.73
CA GLY A 195 -18.50 14.92 28.15
C GLY A 195 -17.28 14.21 27.58
N VAL A 196 -16.07 14.62 27.96
CA VAL A 196 -14.90 13.87 27.51
C VAL A 196 -14.91 12.47 28.12
N ASP A 197 -14.33 11.50 27.41
CA ASP A 197 -14.40 10.10 27.80
C ASP A 197 -13.26 9.69 28.70
N GLY A 198 -12.34 10.62 28.96
CA GLY A 198 -11.21 10.29 29.80
C GLY A 198 -9.96 11.16 29.67
N PHE A 199 -8.90 10.76 30.36
CA PHE A 199 -7.71 11.57 30.46
C PHE A 199 -6.44 10.75 30.31
N ARG A 200 -5.48 11.27 29.57
CA ARG A 200 -4.11 10.81 29.72
C ARG A 200 -3.50 11.71 30.79
N LEU A 201 -2.99 11.08 31.85
CA LEU A 201 -2.48 11.81 33.01
C LEU A 201 -0.96 11.95 32.93
N ASP A 202 -0.54 13.14 32.49
CA ASP A 202 0.87 13.51 32.39
C ASP A 202 1.64 13.31 33.68
N THR A 203 2.83 12.71 33.60
CA THR A 203 3.71 12.52 34.76
C THR A 203 2.94 12.13 36.02
N VAL A 204 2.16 11.07 35.92
CA VAL A 204 1.16 10.79 36.94
C VAL A 204 1.77 10.47 38.30
N ASN A 205 2.98 9.92 38.30
CA ASN A 205 3.65 9.58 39.55
C ASN A 205 4.49 10.74 40.14
N PHE A 206 4.51 11.89 39.46
CA PHE A 206 5.28 13.03 39.94
C PHE A 206 4.50 13.88 40.95
N TYR A 207 3.19 13.66 41.06
CA TYR A 207 2.31 14.52 41.86
C TYR A 207 2.84 14.89 43.24
N PHE A 208 3.23 13.89 44.03
CA PHE A 208 3.77 14.15 45.36
C PHE A 208 5.31 14.08 45.35
N HIS A 209 5.93 14.98 46.11
CA HIS A 209 7.36 14.96 46.42
C HIS A 209 7.49 14.77 47.93
N ASP A 210 8.67 14.33 48.37
CA ASP A 210 9.01 14.22 49.79
C ASP A 210 9.10 15.57 50.47
N ALA A 211 8.25 15.80 51.45
CA ALA A 211 8.23 17.06 52.18
C ALA A 211 9.46 17.27 53.04
N GLU A 212 10.18 16.20 53.37
CA GLU A 212 11.46 16.35 54.09
C GLU A 212 12.59 16.77 53.14
N LEU A 213 12.30 16.76 51.84
CA LEU A 213 13.27 17.24 50.83
C LEU A 213 14.58 16.47 50.84
N ARG A 214 14.53 15.17 51.13
CA ARG A 214 15.76 14.36 51.17
C ARG A 214 16.48 14.26 49.82
N ASP A 215 17.81 14.23 49.87
CA ASP A 215 18.64 14.02 48.68
C ASP A 215 18.41 12.63 48.15
N ASN A 216 18.38 12.50 46.82
CA ASN A 216 18.35 11.19 46.20
C ASN A 216 19.72 10.54 46.29
N PRO A 217 19.76 9.20 46.36
CA PRO A 217 21.04 8.51 46.28
C PRO A 217 21.51 8.44 44.84
N PRO A 218 22.82 8.26 44.62
CA PRO A 218 23.35 8.11 43.26
C PRO A 218 23.06 6.72 42.68
N VAL A 219 23.06 6.61 41.35
CA VAL A 219 23.05 5.32 40.70
C VAL A 219 24.47 4.72 40.78
N PRO A 220 24.62 3.56 41.41
CA PRO A 220 25.93 2.90 41.49
C PRO A 220 26.50 2.54 40.11
N LYS A 221 27.80 2.76 39.90
CA LYS A 221 28.41 2.58 38.58
C LYS A 221 28.12 1.20 37.96
N GLY A 222 27.68 1.22 36.70
CA GLY A 222 27.39 -0.03 36.02
C GLY A 222 25.93 -0.43 36.07
N GLU A 223 25.14 0.18 36.96
CA GLU A 223 23.75 -0.25 37.05
C GLU A 223 22.97 0.40 35.94
N ALA A 224 21.82 -0.17 35.59
CA ALA A 224 21.04 0.37 34.48
C ALA A 224 20.43 1.71 34.86
N LYS A 225 20.35 2.59 33.88
CA LYS A 225 19.76 3.91 34.04
C LYS A 225 18.27 3.85 33.74
N THR A 226 17.53 4.86 34.16
CA THR A 226 16.08 4.90 33.94
C THR A 226 15.78 4.92 32.45
N LEU A 227 14.64 4.34 32.07
CA LEU A 227 14.24 4.23 30.68
C LEU A 227 13.62 5.51 30.17
N GLY A 228 13.26 6.41 31.10
CA GLY A 228 12.57 7.63 30.78
C GLY A 228 13.42 8.84 30.38
N ALA A 229 14.73 8.64 30.24
CA ALA A 229 15.65 9.73 29.90
C ALA A 229 16.90 9.23 29.17
N PRO A 230 17.46 10.05 28.25
CA PRO A 230 18.70 9.65 27.55
C PRO A 230 19.86 9.57 28.54
N GLU A 231 20.79 8.67 28.29
CA GLU A 231 21.88 8.42 29.23
C GLU A 231 22.84 9.61 29.38
N ALA A 232 22.81 10.52 28.40
CA ALA A 232 23.63 11.73 28.43
C ALA A 232 23.10 12.77 29.43
N ASN A 233 21.90 12.53 29.95
CA ASN A 233 21.26 13.46 30.88
C ASN A 233 21.69 13.13 32.30
N PRO A 234 22.30 14.10 32.99
CA PRO A 234 22.77 13.87 34.36
C PRO A 234 21.65 13.50 35.32
N TYR A 235 20.40 13.78 34.94
CA TYR A 235 19.23 13.30 35.69
C TYR A 235 19.33 11.79 35.92
N THR A 236 19.95 11.09 34.99
CA THR A 236 20.07 9.62 35.09
C THR A 236 21.12 9.15 36.11
N TRP A 237 21.80 10.10 36.75
CA TRP A 237 22.86 9.77 37.71
C TRP A 237 22.35 9.51 39.14
N GLN A 238 21.10 9.83 39.42
CA GLN A 238 20.54 9.53 40.76
C GLN A 238 19.35 8.55 40.71
N ARG A 239 19.15 7.79 41.79
CA ARG A 239 17.91 7.02 41.92
C ARG A 239 16.81 8.00 42.30
N HIS A 240 15.65 7.89 41.67
CA HIS A 240 14.61 8.86 41.97
C HIS A 240 13.62 8.31 43.00
N VAL A 241 13.90 8.64 44.26
CA VAL A 241 13.20 8.09 45.41
C VAL A 241 12.38 9.14 46.15
N TYR A 242 12.96 10.33 46.31
CA TYR A 242 12.29 11.37 47.09
C TYR A 242 11.62 12.45 46.26
N ASP A 243 12.07 12.61 45.02
CA ASP A 243 11.55 13.67 44.16
C ASP A 243 10.22 13.27 43.49
N LEU A 244 9.85 12.00 43.62
CA LEU A 244 8.61 11.51 43.01
C LEU A 244 8.15 10.19 43.61
N SER A 245 7.05 9.67 43.07
CA SER A 245 6.53 8.36 43.46
C SER A 245 6.49 8.18 44.96
N ARG A 246 5.78 9.08 45.64
CA ARG A 246 5.59 9.00 47.08
C ARG A 246 4.32 8.24 47.44
N PRO A 247 4.29 7.64 48.64
CA PRO A 247 3.13 6.83 49.02
C PRO A 247 1.83 7.64 49.03
N GLU A 248 1.89 8.92 49.42
CA GLU A 248 0.66 9.72 49.53
C GLU A 248 -0.13 9.78 48.22
N ASN A 249 0.58 9.62 47.11
CA ASN A 249 -0.09 9.68 45.82
C ASN A 249 -1.19 8.63 45.69
N LEU A 250 -1.00 7.47 46.33
CA LEU A 250 -2.03 6.41 46.26
C LEU A 250 -3.37 6.94 46.77
N ASP A 251 -3.34 7.63 47.92
CA ASP A 251 -4.59 8.16 48.45
C ASP A 251 -5.20 9.12 47.44
N PHE A 252 -4.37 9.97 46.85
CA PHE A 252 -4.91 10.93 45.92
C PHE A 252 -5.45 10.23 44.68
N LEU A 253 -4.78 9.16 44.24
CA LEU A 253 -5.26 8.50 43.03
C LEU A 253 -6.69 7.99 43.30
N LYS A 254 -6.93 7.56 44.53
CA LYS A 254 -8.28 7.13 44.90
C LYS A 254 -9.28 8.26 44.73
N ASP A 255 -8.91 9.44 45.22
CA ASP A 255 -9.77 10.61 45.08
C ASP A 255 -10.04 10.87 43.61
N LEU A 256 -8.98 10.76 42.80
CA LEU A 256 -9.08 11.08 41.39
C LEU A 256 -10.02 10.05 40.79
N ARG A 257 -9.83 8.80 41.20
CA ARG A 257 -10.69 7.75 40.67
C ARG A 257 -12.15 7.99 41.10
N ALA A 258 -12.35 8.53 42.31
CA ALA A 258 -13.73 8.75 42.78
C ALA A 258 -14.38 9.74 41.82
N LEU A 259 -13.60 10.73 41.40
CA LEU A 259 -14.14 11.74 40.50
C LEU A 259 -14.56 11.04 39.22
N MET A 260 -13.67 10.20 38.71
CA MET A 260 -13.92 9.54 37.44
C MET A 260 -15.17 8.68 37.54
N ASP A 261 -15.42 8.12 38.72
CA ASP A 261 -16.55 7.18 38.86
C ASP A 261 -17.90 7.90 38.77
N GLU A 262 -17.93 9.22 39.01
CA GLU A 262 -19.17 9.98 38.86
C GLU A 262 -19.61 10.11 37.41
N TYR A 263 -18.78 9.65 36.50
CA TYR A 263 -19.04 9.81 35.08
C TYR A 263 -18.83 8.44 34.47
N PRO A 264 -19.82 7.56 34.62
CA PRO A 264 -19.69 6.16 34.19
C PRO A 264 -19.17 6.04 32.76
N GLY A 265 -18.26 5.11 32.55
CA GLY A 265 -17.68 4.92 31.23
C GLY A 265 -16.44 5.73 30.90
N THR A 266 -16.03 6.64 31.79
CA THR A 266 -14.79 7.40 31.56
C THR A 266 -13.56 6.63 32.07
N THR A 267 -12.38 7.00 31.59
CA THR A 267 -11.19 6.23 31.92
C THR A 267 -9.97 7.13 32.10
N THR A 268 -8.89 6.54 32.61
CA THR A 268 -7.64 7.27 32.77
C THR A 268 -6.49 6.38 32.38
N VAL A 269 -5.55 6.95 31.62
CA VAL A 269 -4.26 6.31 31.36
C VAL A 269 -3.15 7.22 31.90
N GLY A 270 -2.40 6.70 32.87
CA GLY A 270 -1.35 7.48 33.51
C GLY A 270 -0.03 7.29 32.79
N GLU A 271 0.75 8.37 32.70
CA GLU A 271 2.12 8.26 32.20
C GLU A 271 3.05 7.96 33.38
N ILE A 272 3.76 6.83 33.31
CA ILE A 272 4.68 6.48 34.38
C ILE A 272 6.12 6.83 34.01
N GLY A 273 6.80 7.58 34.88
CA GLY A 273 8.22 7.86 34.71
C GLY A 273 8.93 7.62 36.03
N ASP A 274 9.52 6.43 36.15
CA ASP A 274 9.95 5.91 37.46
C ASP A 274 11.13 4.97 37.25
N ASP A 275 11.95 4.75 38.27
CA ASP A 275 13.07 3.83 38.14
C ASP A 275 12.62 2.38 37.92
N ASN A 276 11.46 2.02 38.46
CA ASN A 276 10.91 0.68 38.28
C ASN A 276 9.49 0.79 37.76
N PRO A 277 9.36 1.18 36.48
CA PRO A 277 8.08 1.59 35.91
C PRO A 277 7.00 0.49 35.82
N LEU A 278 7.37 -0.75 35.51
CA LEU A 278 6.37 -1.82 35.47
C LEU A 278 5.73 -2.00 36.84
N GLU A 279 6.57 -1.98 37.87
CA GLU A 279 6.11 -2.12 39.23
C GLU A 279 5.19 -0.96 39.61
N ARG A 280 5.58 0.25 39.24
CA ARG A 280 4.77 1.41 39.56
C ARG A 280 3.43 1.37 38.83
N MET A 281 3.46 0.89 37.60
CA MET A 281 2.23 0.81 36.83
C MET A 281 1.26 -0.22 37.43
N ALA A 282 1.81 -1.36 37.84
CA ALA A 282 0.99 -2.37 38.52
C ALA A 282 0.42 -1.81 39.81
N GLU A 283 1.27 -1.10 40.56
CA GLU A 283 0.87 -0.47 41.80
C GLU A 283 -0.27 0.53 41.62
N TYR A 284 -0.17 1.33 40.58
CA TYR A 284 -1.10 2.44 40.33
C TYR A 284 -2.42 2.01 39.71
N THR A 285 -2.41 0.89 38.99
CA THR A 285 -3.61 0.44 38.28
C THR A 285 -4.35 -0.71 38.98
N ALA A 286 -3.81 -1.14 40.12
CA ALA A 286 -4.42 -2.21 40.90
C ALA A 286 -5.57 -1.71 41.78
N GLY A 287 -6.31 -2.65 42.36
CA GLY A 287 -7.32 -2.32 43.35
C GLY A 287 -8.67 -1.90 42.78
N GLY A 288 -8.72 -1.58 41.50
CA GLY A 288 -9.94 -1.08 40.89
C GLY A 288 -10.39 0.26 41.45
N ASP A 289 -9.57 0.86 42.31
CA ASP A 289 -9.94 2.10 42.99
C ASP A 289 -8.97 3.24 42.66
N LYS A 290 -8.06 3.00 41.73
CA LYS A 290 -7.08 4.01 41.36
C LYS A 290 -7.09 4.25 39.84
N LEU A 291 -5.93 4.19 39.19
CA LEU A 291 -5.92 4.37 37.73
C LEU A 291 -6.49 3.16 37.01
N HIS A 292 -7.17 3.41 35.90
CA HIS A 292 -7.70 2.35 35.04
C HIS A 292 -6.57 1.67 34.29
N MET A 293 -5.65 2.48 33.77
CA MET A 293 -4.50 1.93 33.07
C MET A 293 -3.33 2.91 33.10
N ALA A 294 -2.16 2.43 32.70
CA ALA A 294 -0.99 3.30 32.60
C ALA A 294 0.00 2.71 31.62
N TYR A 295 0.84 3.56 31.03
CA TYR A 295 1.91 3.06 30.15
C TYR A 295 3.27 3.43 30.69
N THR A 296 4.27 2.66 30.31
CA THR A 296 5.62 2.88 30.77
C THR A 296 6.53 3.05 29.56
N PHE A 297 7.80 3.28 29.84
CA PHE A 297 8.79 3.45 28.77
C PHE A 297 9.50 2.15 28.43
N ASP A 298 8.99 1.04 28.94
CA ASP A 298 9.59 -0.26 28.65
C ASP A 298 9.58 -0.59 27.17
N LEU A 299 8.51 -0.21 26.47
CA LEU A 299 8.48 -0.42 25.02
C LEU A 299 8.79 0.85 24.21
N LEU A 300 9.31 1.88 24.89
CA LEU A 300 9.56 3.15 24.25
C LEU A 300 11.06 3.45 24.22
N ASN A 301 11.87 2.41 24.36
CA ASN A 301 13.31 2.56 24.41
C ASN A 301 13.99 1.80 23.28
N MET A 302 15.23 1.38 23.49
CA MET A 302 16.03 0.77 22.42
C MET A 302 15.87 -0.75 22.30
N PRO A 303 15.85 -1.49 23.43
CA PRO A 303 15.65 -2.93 23.28
C PRO A 303 14.32 -3.27 22.63
N HIS A 304 14.33 -4.28 21.75
CA HIS A 304 13.14 -4.58 20.98
C HIS A 304 13.11 -6.02 20.46
N SER A 305 14.11 -6.82 20.85
CA SER A 305 14.17 -8.24 20.45
C SER A 305 13.00 -9.06 21.00
N ALA A 306 12.75 -10.23 20.38
CA ALA A 306 11.72 -11.12 20.89
C ALA A 306 12.00 -11.58 22.32
N SER A 307 13.27 -11.82 22.61
CA SER A 307 13.65 -12.18 23.97
C SER A 307 13.37 -11.02 24.96
N TYR A 308 13.70 -9.78 24.56
CA TYR A 308 13.39 -8.63 25.41
C TYR A 308 11.89 -8.55 25.70
N LEU A 309 11.09 -8.72 24.66
CA LEU A 309 9.64 -8.67 24.82
C LEU A 309 9.17 -9.78 25.77
N ARG A 310 9.82 -10.94 25.68
CA ARG A 310 9.52 -12.03 26.60
C ARG A 310 9.82 -11.62 28.04
N GLU A 311 10.97 -10.98 28.25
CA GLU A 311 11.35 -10.53 29.58
C GLU A 311 10.32 -9.55 30.13
N VAL A 312 9.88 -8.62 29.28
CA VAL A 312 8.88 -7.64 29.70
C VAL A 312 7.57 -8.33 30.09
N ILE A 313 7.14 -9.29 29.27
CA ILE A 313 5.90 -10.02 29.57
C ILE A 313 5.96 -10.83 30.87
N GLU A 314 7.05 -11.57 31.06
CA GLU A 314 7.26 -12.34 32.29
C GLU A 314 7.26 -11.45 33.53
N ARG A 315 8.08 -10.39 33.47
CA ARG A 315 8.19 -9.45 34.58
C ARG A 315 6.83 -8.92 34.91
N PHE A 316 6.09 -8.49 33.89
CA PHE A 316 4.76 -7.96 34.15
C PHE A 316 3.81 -9.01 34.73
N GLN A 317 3.99 -10.26 34.30
CA GLN A 317 3.11 -11.32 34.75
C GLN A 317 3.34 -11.69 36.22
N ARG A 318 4.54 -11.44 36.72
CA ARG A 318 4.80 -11.64 38.16
C ARG A 318 4.18 -10.56 39.07
N LEU A 319 3.73 -9.46 38.48
CA LEU A 319 3.13 -8.35 39.23
C LEU A 319 1.64 -8.57 39.54
N ALA A 320 0.99 -7.56 40.11
CA ALA A 320 -0.39 -7.68 40.61
C ALA A 320 -1.35 -8.10 39.52
N GLY A 321 -2.07 -9.21 39.74
CA GLY A 321 -2.96 -9.74 38.70
C GLY A 321 -4.09 -8.83 38.28
N ASP A 322 -4.41 -7.84 39.11
CA ASP A 322 -5.51 -6.91 38.81
C ASP A 322 -5.04 -5.62 38.10
N ALA A 323 -3.76 -5.53 37.82
CA ALA A 323 -3.21 -4.36 37.14
C ALA A 323 -3.66 -4.41 35.67
N TRP A 324 -3.67 -3.26 35.01
CA TRP A 324 -3.97 -3.21 33.58
C TRP A 324 -3.08 -2.24 32.83
N PRO A 325 -2.24 -2.77 31.93
CA PRO A 325 -1.27 -1.97 31.20
C PRO A 325 -1.85 -1.36 29.93
N CYS A 326 -1.35 -0.18 29.57
CA CYS A 326 -1.57 0.33 28.23
C CYS A 326 -0.21 0.32 27.55
N TRP A 327 -0.16 -0.29 26.36
CA TRP A 327 1.08 -0.42 25.64
C TRP A 327 1.23 0.60 24.52
N ALA A 328 2.43 1.14 24.38
CA ALA A 328 2.76 2.10 23.33
C ALA A 328 4.18 1.85 22.82
N THR A 329 4.37 1.95 21.51
CA THR A 329 5.71 1.82 20.93
C THR A 329 6.20 3.16 20.40
N SER A 330 5.30 4.15 20.40
CA SER A 330 5.65 5.52 20.05
C SER A 330 4.78 6.55 20.74
N ASN A 331 5.34 7.73 20.97
CA ASN A 331 4.56 8.89 21.38
C ASN A 331 5.32 10.18 21.04
N HIS A 332 4.87 11.30 21.58
CA HIS A 332 5.44 12.62 21.27
C HIS A 332 6.76 12.91 21.98
N ASP A 333 7.23 11.94 22.77
CA ASP A 333 8.43 12.12 23.57
C ASP A 333 9.59 11.26 23.12
N VAL A 334 9.37 10.36 22.16
CA VAL A 334 10.43 9.42 21.78
C VAL A 334 10.68 9.35 20.27
N VAL A 335 11.83 8.81 19.87
CA VAL A 335 12.08 8.57 18.46
C VAL A 335 11.01 7.61 17.91
N ARG A 336 10.46 7.94 16.74
CA ARG A 336 9.44 7.11 16.10
C ARG A 336 9.88 5.65 16.00
N SER A 337 8.95 4.73 16.30
CA SER A 337 9.29 3.32 16.45
C SER A 337 9.98 2.71 15.23
N ALA A 338 9.54 3.11 14.04
CA ALA A 338 10.10 2.52 12.80
C ALA A 338 11.60 2.77 12.68
N THR A 339 12.06 3.84 13.35
CA THR A 339 13.48 4.15 13.40
C THR A 339 14.11 3.63 14.69
N ARG A 340 13.50 3.95 15.82
CA ARG A 340 14.05 3.60 17.13
C ARG A 340 14.26 2.09 17.26
N TRP A 341 13.25 1.34 16.83
CA TRP A 341 13.31 -0.11 16.87
C TRP A 341 13.75 -0.69 15.54
N GLY A 342 13.28 -0.12 14.42
CA GLY A 342 13.48 -0.75 13.13
C GLY A 342 14.49 -0.12 12.18
N ALA A 343 15.45 0.63 12.72
CA ALA A 343 16.43 1.29 11.85
C ALA A 343 17.23 0.29 11.03
N ASP A 344 17.58 -0.84 11.64
CA ASP A 344 18.37 -1.84 10.93
C ASP A 344 17.47 -2.92 10.34
N GLU A 345 16.20 -2.60 10.14
CA GLU A 345 15.28 -3.58 9.58
C GLU A 345 14.63 -3.03 8.32
N ASP A 346 13.91 -3.88 7.60
CA ASP A 346 13.25 -3.45 6.37
C ASP A 346 12.22 -2.38 6.71
N PRO A 347 12.38 -1.18 6.11
CA PRO A 347 11.51 -0.05 6.47
C PRO A 347 10.04 -0.24 6.11
N HIS A 348 9.73 -1.15 5.20
CA HIS A 348 8.32 -1.37 4.84
C HIS A 348 7.70 -2.55 5.57
N ALA A 349 8.48 -3.60 5.78
CA ALA A 349 7.93 -4.82 6.35
C ALA A 349 8.01 -4.84 7.88
N TYR A 350 9.08 -4.28 8.45
CA TYR A 350 9.24 -4.32 9.90
C TYR A 350 8.12 -3.63 10.71
N PRO A 351 7.75 -2.40 10.33
CA PRO A 351 6.69 -1.77 11.13
C PRO A 351 5.41 -2.61 11.16
N LYS A 352 5.15 -3.35 10.09
CA LYS A 352 3.95 -4.17 10.00
C LYS A 352 3.89 -5.25 11.09
N VAL A 353 4.96 -6.02 11.20
CA VAL A 353 4.98 -7.10 12.17
C VAL A 353 5.11 -6.53 13.60
N MET A 354 5.86 -5.42 13.73
CA MET A 354 5.99 -4.77 15.03
C MET A 354 4.62 -4.34 15.57
N LEU A 355 3.83 -3.74 14.69
CA LEU A 355 2.49 -3.34 15.06
C LEU A 355 1.61 -4.55 15.32
N ALA A 356 1.88 -5.65 14.64
CA ALA A 356 1.12 -6.90 14.92
C ALA A 356 1.36 -7.35 16.36
N VAL A 357 2.63 -7.31 16.78
CA VAL A 357 2.96 -7.62 18.16
C VAL A 357 2.24 -6.66 19.10
N LEU A 358 2.42 -5.36 18.87
CA LEU A 358 1.75 -4.35 19.72
C LEU A 358 0.27 -4.64 19.90
N PHE A 359 -0.41 -4.97 18.79
CA PHE A 359 -1.87 -5.16 18.81
C PHE A 359 -2.27 -6.51 19.37
N SER A 360 -1.28 -7.38 19.56
CA SER A 360 -1.57 -8.70 20.08
C SER A 360 -1.18 -8.90 21.56
N LEU A 361 -0.51 -7.91 22.14
CA LEU A 361 -0.17 -7.97 23.55
C LEU A 361 -1.45 -7.86 24.42
N ARG A 362 -1.38 -8.38 25.64
CA ARG A 362 -2.49 -8.25 26.58
C ARG A 362 -2.45 -6.86 27.26
N GLY A 363 -3.41 -6.01 26.91
CA GLY A 363 -3.49 -4.68 27.46
C GLY A 363 -4.24 -3.76 26.53
N SER A 364 -4.42 -2.51 26.92
CA SER A 364 -4.86 -1.49 25.98
C SER A 364 -3.65 -1.08 25.14
N VAL A 365 -3.89 -0.28 24.12
CA VAL A 365 -2.83 0.14 23.20
C VAL A 365 -2.94 1.63 22.92
N CYS A 366 -1.80 2.33 22.92
CA CYS A 366 -1.75 3.68 22.36
C CYS A 366 -0.95 3.64 21.09
N LEU A 367 -1.55 4.16 20.02
CA LEU A 367 -0.97 4.18 18.68
C LEU A 367 -0.77 5.65 18.30
N TYR A 368 0.47 6.04 18.00
CA TYR A 368 0.83 7.44 17.76
C TYR A 368 0.61 7.83 16.30
N GLN A 369 0.12 9.05 16.10
CA GLN A 369 -0.09 9.59 14.75
C GLN A 369 1.12 9.39 13.82
N GLY A 370 0.90 8.72 12.70
CA GLY A 370 1.98 8.48 11.77
C GLY A 370 2.62 7.13 11.93
N GLU A 371 2.47 6.52 13.11
CA GLU A 371 3.03 5.20 13.33
C GLU A 371 2.34 4.19 12.41
N GLU A 372 1.07 4.46 12.09
CA GLU A 372 0.28 3.61 11.22
C GLU A 372 0.74 3.74 9.77
N LEU A 373 1.61 4.73 9.52
CA LEU A 373 2.17 4.94 8.19
C LEU A 373 3.60 4.42 8.08
N GLY A 374 4.13 3.89 9.17
CA GLY A 374 5.51 3.44 9.17
C GLY A 374 6.49 4.60 9.02
N LEU A 375 6.11 5.77 9.53
CA LEU A 375 6.96 6.95 9.41
C LEU A 375 8.26 6.82 10.21
N PRO A 376 9.40 7.04 9.53
CA PRO A 376 10.72 7.08 10.16
C PRO A 376 10.87 8.39 10.91
N GLU A 377 11.79 8.43 11.86
CA GLU A 377 12.09 9.65 12.59
C GLU A 377 12.56 10.72 11.61
N ALA A 378 12.05 11.95 11.80
CA ALA A 378 12.45 13.04 10.92
C ALA A 378 13.75 13.63 11.40
N ASP A 379 14.53 14.17 10.47
CA ASP A 379 15.71 14.92 10.83
C ASP A 379 15.41 16.41 10.83
N VAL A 380 15.45 17.02 12.01
CA VAL A 380 15.21 18.44 12.13
C VAL A 380 16.56 19.15 12.26
N PRO A 381 16.86 20.08 11.32
CA PRO A 381 18.15 20.79 11.40
C PRO A 381 18.20 21.71 12.61
N PHE A 382 19.40 21.91 13.14
CA PHE A 382 19.62 22.74 14.32
C PHE A 382 18.83 24.05 14.31
N GLU A 383 18.89 24.78 13.20
CA GLU A 383 18.25 26.09 13.13
C GLU A 383 16.72 26.02 13.15
N ARG A 384 16.18 24.80 13.04
CA ARG A 384 14.74 24.62 13.04
C ARG A 384 14.23 24.00 14.35
N ILE A 385 15.16 23.64 15.24
CA ILE A 385 14.80 23.03 16.52
C ILE A 385 13.89 23.94 17.37
N GLN A 386 12.85 23.36 17.95
CA GLN A 386 11.89 24.11 18.76
C GLN A 386 11.89 23.66 20.22
N ASP A 387 11.89 22.34 20.43
CA ASP A 387 11.82 21.76 21.76
C ASP A 387 12.98 22.26 22.60
N PRO A 388 12.68 22.86 23.77
CA PRO A 388 13.75 23.34 24.64
C PRO A 388 14.61 22.18 25.12
N TYR A 389 14.02 20.97 25.16
CA TYR A 389 14.74 19.77 25.53
C TYR A 389 15.74 19.37 24.44
N GLY A 390 15.66 20.03 23.28
CA GLY A 390 16.63 19.76 22.22
C GLY A 390 17.79 20.76 22.19
N LYS A 391 17.81 21.69 23.14
CA LYS A 391 18.84 22.73 23.21
C LYS A 391 19.65 22.68 24.50
N VAL A 392 19.65 21.54 25.19
CA VAL A 392 20.42 21.49 26.44
C VAL A 392 21.48 20.41 26.43
N LEU A 393 21.30 19.39 25.60
CA LEU A 393 22.24 18.26 25.57
C LEU A 393 22.67 18.01 24.12
N TRP A 394 22.48 19.00 23.26
CA TRP A 394 22.87 18.89 21.87
C TRP A 394 24.40 18.77 21.80
N PRO A 395 24.93 17.86 20.94
CA PRO A 395 24.24 16.97 20.00
C PRO A 395 24.05 15.53 20.50
N GLU A 396 24.56 15.20 21.68
CA GLU A 396 24.37 13.87 22.23
C GLU A 396 22.88 13.52 22.30
N PHE A 397 22.05 14.50 22.63
CA PHE A 397 20.59 14.31 22.60
C PHE A 397 19.96 15.53 21.97
N LYS A 398 19.11 15.29 20.97
CA LYS A 398 18.62 16.40 20.15
C LYS A 398 17.15 16.72 20.37
N GLY A 399 16.63 16.30 21.51
CA GLY A 399 15.25 16.60 21.83
C GLY A 399 14.22 15.76 21.07
N ARG A 400 13.00 16.27 21.03
CA ARG A 400 11.87 15.46 20.62
C ARG A 400 11.21 15.91 19.31
N ASP A 401 11.77 16.93 18.67
CA ASP A 401 11.15 17.45 17.45
C ASP A 401 11.08 16.43 16.32
N GLY A 402 12.03 15.49 16.30
CA GLY A 402 12.06 14.47 15.26
C GLY A 402 10.80 13.63 15.14
N CYS A 403 10.03 13.52 16.22
CA CYS A 403 8.79 12.76 16.17
C CYS A 403 7.57 13.65 16.11
N ARG A 404 7.81 14.96 16.05
CA ARG A 404 6.74 15.97 16.13
C ARG A 404 6.56 16.78 14.84
N THR A 405 7.21 16.35 13.78
CA THR A 405 7.09 17.01 12.48
C THR A 405 5.70 16.76 11.90
N PRO A 406 5.22 17.67 11.04
CA PRO A 406 3.81 17.60 10.61
C PRO A 406 3.42 16.34 9.84
N MET A 407 2.16 15.96 10.04
CA MET A 407 1.56 14.79 9.42
C MET A 407 1.49 14.95 7.90
N PRO A 408 1.96 13.94 7.17
CA PRO A 408 1.93 13.96 5.70
C PRO A 408 0.60 13.45 5.14
N TRP A 409 -0.29 14.36 4.81
CA TRP A 409 -1.57 13.97 4.22
C TRP A 409 -1.48 13.62 2.73
N THR A 410 -0.72 14.43 1.98
CA THR A 410 -0.53 14.20 0.55
C THR A 410 0.95 14.18 0.22
N ASP A 411 1.29 13.92 -1.04
CA ASP A 411 2.69 13.99 -1.46
C ASP A 411 3.00 15.35 -2.07
N GLY A 412 2.07 16.28 -1.96
CA GLY A 412 2.26 17.62 -2.50
C GLY A 412 3.00 18.55 -1.55
N GLU A 413 2.84 19.86 -1.75
CA GLU A 413 3.55 20.86 -0.95
C GLU A 413 3.16 20.77 0.53
N GLN A 414 4.19 20.69 1.37
CA GLN A 414 4.03 20.58 2.81
C GLN A 414 3.17 19.38 3.19
N GLY A 415 3.16 18.38 2.33
CA GLY A 415 2.36 17.18 2.55
C GLY A 415 0.90 17.50 2.72
N GLY A 416 0.49 18.68 2.26
CA GLY A 416 -0.89 19.08 2.37
C GLY A 416 -1.21 19.47 3.81
N PHE A 417 -0.17 19.59 4.63
CA PHE A 417 -0.38 19.90 6.05
C PHE A 417 -0.76 21.36 6.28
N SER A 418 -0.17 22.26 5.48
CA SER A 418 -0.37 23.69 5.65
C SER A 418 -0.07 24.43 4.36
N PRO A 419 -0.77 25.57 4.13
CA PRO A 419 -0.51 26.44 2.98
C PRO A 419 0.75 27.27 3.16
N VAL A 420 1.28 27.33 4.38
CA VAL A 420 2.50 28.11 4.60
C VAL A 420 3.55 27.20 5.23
N GLU A 421 4.73 27.74 5.51
CA GLU A 421 5.78 26.93 6.13
C GLU A 421 5.38 26.59 7.55
N PRO A 422 5.26 25.28 7.83
CA PRO A 422 4.78 24.83 9.15
C PRO A 422 5.83 25.02 10.25
N TRP A 423 5.38 24.90 11.50
CA TRP A 423 6.20 25.23 12.66
C TRP A 423 7.40 24.34 12.81
N LEU A 424 7.29 23.14 12.27
CA LEU A 424 8.44 22.29 12.06
C LEU A 424 8.40 21.87 10.60
N PRO A 425 9.58 21.63 10.01
CA PRO A 425 9.65 21.26 8.60
C PRO A 425 9.02 19.89 8.31
N MET A 426 8.25 19.83 7.23
CA MET A 426 7.79 18.55 6.68
C MET A 426 9.00 17.73 6.28
N GLU A 427 9.02 16.47 6.70
CA GLU A 427 10.15 15.60 6.37
C GLU A 427 10.02 15.04 4.95
N ALA A 428 11.05 15.23 4.15
CA ALA A 428 11.00 14.83 2.75
C ALA A 428 10.64 13.34 2.58
N ARG A 429 11.26 12.46 3.35
CA ARG A 429 10.97 11.03 3.30
C ARG A 429 9.51 10.67 3.62
N HIS A 430 8.77 11.58 4.27
CA HIS A 430 7.37 11.31 4.64
C HIS A 430 6.38 11.45 3.47
N LEU A 431 6.75 12.24 2.47
CA LEU A 431 5.84 12.56 1.37
C LEU A 431 5.37 11.33 0.59
N GLU A 432 6.28 10.41 0.30
CA GLU A 432 5.91 9.20 -0.43
C GLU A 432 5.18 8.22 0.47
N LEU A 433 5.17 8.50 1.77
CA LEU A 433 4.47 7.67 2.73
C LEU A 433 3.20 8.33 3.17
N ALA A 434 2.84 9.43 2.52
CA ALA A 434 1.67 10.22 2.90
C ALA A 434 0.37 9.43 2.92
N VAL A 435 -0.65 9.98 3.57
CA VAL A 435 -1.92 9.27 3.67
C VAL A 435 -2.51 9.02 2.27
N SER A 436 -2.43 10.02 1.40
CA SER A 436 -3.01 9.90 0.05
C SER A 436 -2.31 8.83 -0.78
N ARG A 437 -1.01 8.65 -0.57
CA ARG A 437 -0.21 7.67 -1.30
C ARG A 437 -0.45 6.27 -0.78
N GLN A 438 -1.00 6.19 0.41
CA GLN A 438 -0.97 4.95 1.13
C GLN A 438 -2.40 4.41 1.26
N GLN A 439 -3.36 5.31 1.06
CA GLN A 439 -4.78 5.07 1.30
C GLN A 439 -5.40 3.85 0.59
N ASP A 440 -5.10 3.69 -0.70
CA ASP A 440 -5.71 2.64 -1.49
C ASP A 440 -4.69 1.60 -1.90
N ASP A 441 -3.55 1.60 -1.21
CA ASP A 441 -2.55 0.56 -1.43
C ASP A 441 -2.72 -0.49 -0.34
N PRO A 442 -3.24 -1.67 -0.72
CA PRO A 442 -3.50 -2.74 0.24
C PRO A 442 -2.19 -3.35 0.75
N ASN A 443 -1.07 -2.93 0.16
CA ASN A 443 0.22 -3.41 0.61
C ASN A 443 0.93 -2.39 1.50
N ALA A 444 0.33 -1.23 1.65
CA ALA A 444 0.93 -0.17 2.45
C ALA A 444 0.63 -0.39 3.95
N THR A 445 1.52 0.11 4.80
CA THR A 445 1.42 -0.14 6.24
C THR A 445 0.08 0.35 6.82
N LEU A 446 -0.46 1.43 6.26
CA LEU A 446 -1.77 1.90 6.69
C LEU A 446 -2.84 0.81 6.61
N ASN A 447 -2.91 0.13 5.49
CA ASN A 447 -3.97 -0.86 5.32
C ASN A 447 -3.68 -2.13 6.13
N THR A 448 -2.39 -2.41 6.35
CA THR A 448 -2.02 -3.51 7.25
C THR A 448 -2.58 -3.20 8.63
N VAL A 449 -2.45 -1.95 9.06
CA VAL A 449 -2.97 -1.54 10.37
C VAL A 449 -4.50 -1.63 10.43
N ARG A 450 -5.17 -1.11 9.41
CA ARG A 450 -6.63 -1.21 9.34
C ARG A 450 -7.07 -2.68 9.47
N ALA A 451 -6.37 -3.55 8.76
CA ALA A 451 -6.70 -4.97 8.71
C ALA A 451 -6.48 -5.62 10.07
N LEU A 452 -5.32 -5.33 10.68
CA LEU A 452 -5.00 -5.84 12.00
C LEU A 452 -6.01 -5.43 13.05
N LEU A 453 -6.44 -4.18 13.03
CA LEU A 453 -7.37 -3.69 14.05
C LEU A 453 -8.78 -4.26 13.82
N ALA A 454 -9.16 -4.48 12.56
CA ALA A 454 -10.43 -5.18 12.29
C ALA A 454 -10.39 -6.63 12.80
N PHE A 455 -9.27 -7.30 12.52
CA PHE A 455 -9.02 -8.66 12.96
C PHE A 455 -9.07 -8.78 14.48
N ARG A 456 -8.32 -7.90 15.15
CA ARG A 456 -8.26 -7.82 16.61
C ARG A 456 -9.64 -7.60 17.18
N ARG A 457 -10.41 -6.73 16.52
CA ARG A 457 -11.75 -6.41 16.95
C ARG A 457 -12.70 -7.61 16.80
N SER A 458 -12.39 -8.52 15.89
CA SER A 458 -13.26 -9.67 15.66
C SER A 458 -12.99 -10.86 16.58
N HIS A 459 -12.01 -10.74 17.48
CA HIS A 459 -11.64 -11.87 18.33
C HIS A 459 -11.58 -11.46 19.78
N PRO A 460 -12.54 -11.98 20.58
CA PRO A 460 -12.65 -11.62 21.99
C PRO A 460 -11.34 -11.84 22.74
N ALA A 461 -10.60 -12.89 22.39
CA ALA A 461 -9.36 -13.19 23.07
C ALA A 461 -8.30 -12.09 22.88
N LEU A 462 -8.40 -11.36 21.76
CA LEU A 462 -7.47 -10.28 21.47
C LEU A 462 -7.94 -8.94 22.05
N PHE A 463 -9.09 -8.92 22.72
CA PHE A 463 -9.47 -7.70 23.40
C PHE A 463 -8.87 -7.63 24.80
N ASP A 464 -9.17 -8.64 25.62
CA ASP A 464 -8.75 -8.63 27.03
C ASP A 464 -8.54 -10.07 27.53
N GLY A 465 -8.13 -10.94 26.62
CA GLY A 465 -7.91 -12.33 26.96
C GLY A 465 -6.64 -12.50 27.76
N ASP A 466 -6.52 -13.61 28.47
CA ASP A 466 -5.27 -13.89 29.15
C ASP A 466 -4.19 -14.11 28.12
N LEU A 467 -2.94 -13.95 28.53
CA LEU A 467 -1.81 -14.22 27.65
C LEU A 467 -0.90 -15.24 28.32
N SER A 468 -0.48 -16.25 27.57
CA SER A 468 0.47 -17.23 28.08
C SER A 468 1.61 -17.40 27.08
N LEU A 469 2.84 -17.15 27.51
CA LEU A 469 4.00 -17.35 26.66
C LEU A 469 4.19 -18.83 26.29
N VAL A 470 4.62 -19.10 25.07
CA VAL A 470 4.88 -20.49 24.66
C VAL A 470 6.23 -20.60 23.98
N ASP A 471 6.84 -21.78 24.08
CA ASP A 471 8.16 -22.00 23.51
C ASP A 471 8.06 -22.07 21.99
N VAL A 472 8.79 -21.20 21.31
CA VAL A 472 8.71 -21.06 19.86
C VAL A 472 10.13 -20.75 19.36
N GLY A 473 11.11 -21.01 20.22
CA GLY A 473 12.50 -20.81 19.84
C GLY A 473 13.01 -19.43 20.25
N ASP A 474 14.31 -19.17 20.04
CA ASP A 474 14.94 -17.94 20.51
C ASP A 474 14.62 -16.69 19.69
N ASP A 475 14.35 -16.88 18.40
CA ASP A 475 14.24 -15.76 17.47
C ASP A 475 12.81 -15.47 17.01
N LEU A 476 11.84 -16.07 17.67
CA LEU A 476 10.45 -15.82 17.36
C LEU A 476 9.79 -15.44 18.68
N LEU A 477 8.70 -14.69 18.60
CA LEU A 477 7.96 -14.38 19.82
C LEU A 477 6.62 -15.09 19.75
N GLY A 478 6.25 -15.83 20.79
CA GLY A 478 5.04 -16.62 20.73
C GLY A 478 4.23 -16.68 22.00
N PHE A 479 2.92 -16.58 21.86
CA PHE A 479 2.05 -16.74 23.01
C PHE A 479 0.64 -17.08 22.59
N THR A 480 -0.16 -17.57 23.54
CA THR A 480 -1.58 -17.76 23.29
C THR A 480 -2.37 -16.66 23.99
N ARG A 481 -3.50 -16.31 23.39
CA ARG A 481 -4.46 -15.41 24.01
C ARG A 481 -5.75 -16.17 24.21
N GLN A 482 -6.30 -16.14 25.42
CA GLN A 482 -7.48 -16.96 25.65
C GLN A 482 -8.64 -16.23 26.31
N LYS A 483 -9.83 -16.41 25.74
CA LYS A 483 -11.06 -16.00 26.40
C LYS A 483 -12.25 -16.89 26.00
N GLY A 484 -12.82 -17.62 26.97
CA GLY A 484 -13.95 -18.48 26.68
C GLY A 484 -13.63 -19.58 25.69
N ASP A 485 -14.50 -19.70 24.68
CA ASP A 485 -14.38 -20.71 23.62
C ASP A 485 -13.10 -20.55 22.82
N GLU A 486 -12.58 -19.33 22.82
CA GLU A 486 -11.47 -18.96 21.92
C GLU A 486 -10.10 -18.95 22.54
N THR A 487 -9.19 -19.74 21.97
CA THR A 487 -7.79 -19.62 22.31
C THR A 487 -7.05 -19.46 20.99
N LEU A 488 -6.26 -18.39 20.88
CA LEU A 488 -5.50 -18.14 19.67
C LEU A 488 -4.01 -18.25 19.94
N LEU A 489 -3.28 -18.76 18.95
CA LEU A 489 -1.84 -18.83 19.02
C LEU A 489 -1.25 -17.74 18.11
N CYS A 490 -0.47 -16.86 18.72
CA CYS A 490 0.10 -15.70 18.04
C CYS A 490 1.62 -15.86 18.00
N VAL A 491 2.17 -15.87 16.79
CA VAL A 491 3.60 -16.05 16.58
C VAL A 491 4.14 -14.94 15.66
N PHE A 492 5.27 -14.35 16.04
CA PHE A 492 5.79 -13.19 15.32
C PHE A 492 7.26 -13.38 14.99
N ASN A 493 7.60 -13.08 13.75
CA ASN A 493 8.99 -13.05 13.32
C ASN A 493 9.41 -11.59 13.15
N LEU A 494 10.16 -11.07 14.12
CA LEU A 494 10.60 -9.68 14.07
C LEU A 494 11.92 -9.53 13.31
N THR A 495 12.48 -10.65 12.86
CA THR A 495 13.77 -10.64 12.18
C THR A 495 13.65 -10.60 10.65
N GLY A 496 14.74 -10.25 9.99
CA GLY A 496 14.77 -10.22 8.54
C GLY A 496 15.22 -11.55 7.92
N GLN A 497 15.14 -12.63 8.69
CA GLN A 497 15.51 -13.96 8.19
C GLN A 497 14.38 -14.96 8.46
N GLU A 498 14.23 -15.94 7.58
CA GLU A 498 13.21 -16.96 7.75
C GLU A 498 13.49 -17.66 9.06
N GLN A 499 12.44 -17.99 9.79
CA GLN A 499 12.61 -18.70 11.05
C GLN A 499 11.60 -19.85 11.07
N GLN A 500 11.85 -20.83 11.92
CA GLN A 500 10.99 -22.02 11.92
C GLN A 500 10.93 -22.64 13.31
N THR A 501 9.79 -23.20 13.66
CA THR A 501 9.60 -23.78 14.99
C THR A 501 8.58 -24.91 15.02
N THR A 502 8.67 -25.75 16.04
CA THR A 502 7.64 -26.75 16.28
C THR A 502 6.50 -26.06 17.03
N LEU A 503 5.27 -26.29 16.61
CA LEU A 503 4.15 -25.66 17.28
C LEU A 503 3.97 -26.29 18.65
N PRO A 504 3.91 -25.45 19.70
CA PRO A 504 3.78 -25.92 21.08
C PRO A 504 2.36 -26.30 21.43
N VAL A 505 1.39 -25.89 20.62
CA VAL A 505 -0.01 -26.28 20.86
C VAL A 505 -0.57 -26.87 19.59
N GLU A 506 -1.80 -27.37 19.65
CA GLU A 506 -2.38 -28.00 18.48
C GLU A 506 -3.36 -27.05 17.77
N VAL A 507 -3.13 -26.90 16.47
CA VAL A 507 -3.86 -25.91 15.68
C VAL A 507 -5.14 -26.46 15.08
N ALA A 508 -6.26 -25.82 15.38
CA ALA A 508 -7.51 -26.15 14.72
C ALA A 508 -7.46 -25.57 13.31
N SER A 509 -7.19 -24.27 13.21
CA SER A 509 -7.19 -23.64 11.88
C SER A 509 -6.21 -22.46 11.75
N ASP A 510 -5.88 -22.09 10.52
CA ASP A 510 -5.14 -20.86 10.30
C ASP A 510 -6.07 -19.66 10.28
N LEU A 511 -5.58 -18.53 10.77
CA LEU A 511 -6.34 -17.30 10.65
C LEU A 511 -5.55 -16.34 9.75
N PRO A 512 -6.05 -16.11 8.54
CA PRO A 512 -5.43 -15.17 7.59
C PRO A 512 -5.75 -13.72 7.95
N VAL A 513 -4.70 -12.89 7.95
CA VAL A 513 -4.86 -11.48 8.24
C VAL A 513 -3.80 -10.64 7.54
N ALA A 514 -4.24 -9.57 6.89
CA ALA A 514 -3.34 -8.53 6.36
C ALA A 514 -2.18 -9.02 5.52
N HIS A 515 -2.44 -9.96 4.64
CA HIS A 515 -1.43 -10.42 3.69
C HIS A 515 -0.15 -10.97 4.34
N PHE A 516 -0.23 -11.37 5.60
CA PHE A 516 0.90 -12.07 6.20
C PHE A 516 0.98 -13.46 5.58
N THR A 517 2.18 -14.02 5.48
CA THR A 517 2.32 -15.31 4.81
C THR A 517 3.14 -16.23 5.70
N ALA A 518 2.58 -17.38 6.05
CA ALA A 518 3.30 -18.34 6.88
C ALA A 518 2.95 -19.77 6.48
N THR A 519 3.95 -20.64 6.52
CA THR A 519 3.75 -22.03 6.09
C THR A 519 3.61 -22.99 7.25
N ARG A 520 2.45 -23.61 7.37
CA ARG A 520 2.24 -24.61 8.41
C ARG A 520 2.23 -26.00 7.78
N ASP A 521 3.30 -26.76 8.01
CA ASP A 521 3.43 -28.13 7.51
C ASP A 521 3.45 -29.10 8.68
N GLY A 522 2.28 -29.69 8.96
CA GLY A 522 2.15 -30.59 10.09
C GLY A 522 2.34 -29.86 11.40
N SER A 523 3.44 -30.17 12.08
CA SER A 523 3.72 -29.56 13.36
C SER A 523 4.87 -28.55 13.25
N THR A 524 5.29 -28.28 12.02
CA THR A 524 6.34 -27.28 11.83
C THR A 524 5.78 -26.01 11.20
N LEU A 525 6.03 -24.88 11.86
CA LEU A 525 5.60 -23.57 11.37
C LEU A 525 6.82 -22.81 10.86
N THR A 526 6.69 -22.28 9.65
CA THR A 526 7.76 -21.51 9.02
C THR A 526 7.24 -20.11 8.81
N LEU A 527 8.05 -19.13 9.24
CA LEU A 527 7.72 -17.72 9.03
C LEU A 527 8.83 -17.06 8.24
N PRO A 528 8.50 -16.58 7.04
CA PRO A 528 9.40 -15.72 6.27
C PRO A 528 9.70 -14.43 7.05
N ALA A 529 10.67 -13.66 6.59
CA ALA A 529 11.08 -12.42 7.26
C ALA A 529 9.88 -11.51 7.58
N TYR A 530 9.85 -11.00 8.80
CA TYR A 530 8.86 -9.99 9.20
C TYR A 530 7.41 -10.43 9.11
N GLN A 531 7.17 -11.74 9.15
CA GLN A 531 5.79 -12.24 9.08
C GLN A 531 5.22 -12.53 10.46
N ALA A 532 3.91 -12.41 10.58
CA ALA A 532 3.19 -12.84 11.76
C ALA A 532 2.34 -14.03 11.35
N ALA A 533 1.84 -14.76 12.33
CA ALA A 533 0.99 -15.92 12.11
C ALA A 533 0.03 -16.06 13.29
N PHE A 534 -1.25 -16.10 12.96
CA PHE A 534 -2.29 -16.31 13.96
C PHE A 534 -3.01 -17.63 13.65
N MET A 535 -3.27 -18.43 14.68
CA MET A 535 -3.91 -19.72 14.49
C MET A 535 -4.98 -19.94 15.55
N GLN A 536 -6.10 -20.55 15.17
CA GLN A 536 -7.06 -21.01 16.16
C GLN A 536 -6.62 -22.34 16.73
N VAL A 537 -6.64 -22.40 18.06
CA VAL A 537 -6.18 -23.53 18.85
C VAL A 537 -7.38 -24.39 19.22
N ALA A 538 -7.22 -25.71 19.14
CA ALA A 538 -8.28 -26.66 19.49
C ALA A 538 -8.66 -26.68 20.98
N ASN B 4 -18.95 1.26 -8.61
CA ASN B 4 -17.64 1.52 -9.20
C ASN B 4 -17.46 0.71 -10.48
N MET B 5 -18.40 0.90 -11.40
CA MET B 5 -18.48 0.12 -12.62
C MET B 5 -17.56 0.64 -13.73
N MET B 6 -16.73 1.63 -13.43
CA MET B 6 -15.86 2.19 -14.47
C MET B 6 -14.38 1.97 -14.18
N TRP B 7 -14.09 0.99 -13.33
CA TRP B 7 -12.72 0.65 -12.97
C TRP B 7 -11.87 0.35 -14.21
N TRP B 8 -12.50 -0.17 -15.26
CA TRP B 8 -11.78 -0.61 -16.46
C TRP B 8 -11.25 0.54 -17.30
N ARG B 9 -11.87 1.71 -17.17
CA ARG B 9 -11.54 2.84 -18.04
C ARG B 9 -10.38 3.59 -17.42
N GLY B 10 -9.20 2.97 -17.51
CA GLY B 10 -7.99 3.48 -16.90
C GLY B 10 -7.30 2.45 -16.03
N GLY B 11 -7.96 1.32 -15.79
CA GLY B 11 -7.40 0.26 -14.96
C GLY B 11 -6.17 -0.40 -15.55
N VAL B 12 -5.37 -1.04 -14.69
CA VAL B 12 -4.15 -1.72 -15.12
C VAL B 12 -4.31 -3.23 -14.97
N ILE B 13 -4.22 -3.95 -16.10
CA ILE B 13 -4.43 -5.39 -16.16
C ILE B 13 -3.11 -6.12 -16.34
N TYR B 14 -2.89 -7.17 -15.56
CA TYR B 14 -1.69 -7.98 -15.68
C TYR B 14 -2.01 -9.22 -16.50
N GLN B 15 -1.35 -9.37 -17.66
CA GLN B 15 -1.62 -10.52 -18.52
C GLN B 15 -0.81 -11.73 -18.08
N ILE B 16 -1.52 -12.79 -17.73
CA ILE B 16 -0.89 -14.04 -17.39
C ILE B 16 -1.01 -15.04 -18.53
N TYR B 17 0.12 -15.65 -18.89
CA TYR B 17 0.14 -16.73 -19.87
C TYR B 17 0.27 -18.04 -19.10
N PRO B 18 -0.87 -18.70 -18.85
CA PRO B 18 -0.97 -19.83 -17.89
C PRO B 18 0.08 -20.92 -18.06
N ARG B 19 0.40 -21.30 -19.29
CA ARG B 19 1.42 -22.32 -19.57
C ARG B 19 2.77 -22.02 -18.93
N SER B 20 3.04 -20.75 -18.72
CA SER B 20 4.37 -20.29 -18.36
C SER B 20 4.38 -19.49 -17.09
N PHE B 21 3.33 -19.63 -16.28
CA PHE B 21 3.28 -18.84 -15.05
C PHE B 21 3.80 -19.65 -13.86
N LEU B 22 3.11 -20.71 -13.47
CA LEU B 22 3.60 -21.56 -12.41
C LEU B 22 3.04 -22.98 -12.50
N ASP B 23 3.93 -23.96 -12.56
CA ASP B 23 3.55 -25.37 -12.57
C ASP B 23 3.48 -25.91 -11.15
N SER B 24 2.26 -26.18 -10.68
CA SER B 24 2.03 -26.69 -9.34
C SER B 24 1.80 -28.20 -9.33
N ARG B 25 1.69 -28.81 -10.51
CA ARG B 25 1.34 -30.22 -10.57
C ARG B 25 2.56 -31.09 -10.87
N GLY B 26 3.55 -30.54 -11.55
CA GLY B 26 4.81 -31.25 -11.74
C GLY B 26 5.02 -31.82 -13.13
N ASP B 27 4.24 -31.37 -14.10
CA ASP B 27 4.31 -31.90 -15.46
C ASP B 27 5.10 -30.98 -16.39
N GLY B 28 5.56 -29.85 -15.86
CA GLY B 28 6.38 -28.93 -16.64
C GLY B 28 5.61 -27.86 -17.38
N VAL B 29 4.30 -27.88 -17.19
CA VAL B 29 3.39 -26.91 -17.79
C VAL B 29 2.71 -26.11 -16.69
N GLY B 30 2.63 -24.79 -16.84
CA GLY B 30 1.92 -23.96 -15.88
C GLY B 30 0.45 -24.37 -15.78
N ASP B 31 -0.11 -24.29 -14.57
CA ASP B 31 -1.51 -24.67 -14.39
C ASP B 31 -2.30 -23.62 -13.59
N LEU B 32 -3.60 -23.82 -13.46
CA LEU B 32 -4.45 -22.83 -12.80
C LEU B 32 -4.15 -22.72 -11.31
N ASN B 33 -3.92 -23.86 -10.65
CA ASN B 33 -3.60 -23.78 -9.24
C ASN B 33 -2.33 -22.97 -8.97
N GLY B 34 -1.38 -23.00 -9.90
CA GLY B 34 -0.17 -22.18 -9.77
C GLY B 34 -0.49 -20.70 -9.78
N ILE B 35 -1.38 -20.32 -10.68
CA ILE B 35 -1.84 -18.94 -10.70
C ILE B 35 -2.50 -18.55 -9.38
N THR B 36 -3.42 -19.41 -8.92
CA THR B 36 -4.10 -19.15 -7.64
C THR B 36 -3.07 -18.92 -6.53
N GLU B 37 -2.07 -19.78 -6.49
CA GLU B 37 -0.98 -19.71 -5.53
C GLU B 37 -0.19 -18.40 -5.63
N LYS B 38 -0.15 -17.77 -6.80
CA LYS B 38 0.66 -16.55 -6.92
C LYS B 38 -0.16 -15.24 -7.04
N LEU B 39 -1.46 -15.34 -6.85
CA LEU B 39 -2.32 -14.16 -6.86
C LEU B 39 -1.90 -13.11 -5.83
N ASP B 40 -1.28 -13.54 -4.73
CA ASP B 40 -0.80 -12.58 -3.73
C ASP B 40 0.29 -11.72 -4.33
N TYR B 41 1.23 -12.34 -5.03
CA TYR B 41 2.25 -11.61 -5.77
C TYR B 41 1.59 -10.62 -6.72
N VAL B 42 0.64 -11.12 -7.49
CA VAL B 42 0.00 -10.24 -8.45
C VAL B 42 -0.61 -9.00 -7.78
N ALA B 43 -1.39 -9.21 -6.72
CA ALA B 43 -1.96 -8.11 -5.96
C ALA B 43 -0.87 -7.17 -5.42
N SER B 44 0.28 -7.73 -5.07
CA SER B 44 1.39 -6.93 -4.57
C SER B 44 1.97 -6.02 -5.65
N LEU B 45 1.67 -6.31 -6.92
CA LEU B 45 2.08 -5.39 -8.01
C LEU B 45 1.31 -4.07 -8.08
N ASN B 46 0.19 -4.00 -7.36
CA ASN B 46 -0.72 -2.84 -7.43
C ASN B 46 -1.46 -2.68 -8.76
N VAL B 47 -1.52 -3.76 -9.54
CA VAL B 47 -2.38 -3.77 -10.71
C VAL B 47 -3.82 -3.95 -10.23
N ASP B 48 -4.79 -3.63 -11.09
CA ASP B 48 -6.21 -3.71 -10.75
C ASP B 48 -6.87 -5.05 -11.07
N GLY B 49 -6.17 -5.90 -11.80
CA GLY B 49 -6.75 -7.18 -12.16
C GLY B 49 -5.86 -7.95 -13.10
N ILE B 50 -6.36 -9.06 -13.63
CA ILE B 50 -5.58 -9.90 -14.53
C ILE B 50 -6.35 -10.27 -15.79
N TRP B 51 -5.60 -10.62 -16.84
CA TRP B 51 -6.15 -11.21 -18.06
C TRP B 51 -5.47 -12.55 -18.27
N LEU B 52 -6.27 -13.62 -18.28
CA LEU B 52 -5.74 -14.95 -18.50
C LEU B 52 -5.83 -15.34 -19.98
N SER B 53 -4.70 -15.73 -20.55
CA SER B 53 -4.69 -16.32 -21.87
C SER B 53 -5.45 -17.65 -21.80
N PRO B 54 -5.87 -18.20 -22.95
CA PRO B 54 -6.81 -19.32 -22.95
C PRO B 54 -6.34 -20.52 -22.16
N PHE B 55 -7.25 -21.08 -21.37
CA PHE B 55 -6.97 -22.27 -20.59
C PHE B 55 -8.06 -23.31 -20.85
N PHE B 56 -8.77 -23.11 -21.96
CA PHE B 56 -9.90 -23.96 -22.30
C PHE B 56 -9.47 -25.22 -23.00
N THR B 57 -10.39 -26.19 -23.06
CA THR B 57 -10.10 -27.48 -23.72
C THR B 57 -9.60 -27.23 -25.14
N SER B 58 -8.47 -27.84 -25.47
CA SER B 58 -7.79 -27.50 -26.71
C SER B 58 -6.76 -28.55 -27.06
N PRO B 59 -6.61 -28.84 -28.36
CA PRO B 59 -5.49 -29.67 -28.85
C PRO B 59 -4.14 -29.00 -28.64
N MET B 60 -4.14 -27.69 -28.34
CA MET B 60 -2.92 -26.90 -28.06
C MET B 60 -2.02 -26.66 -29.28
N LEU B 61 -2.57 -26.80 -30.49
CA LEU B 61 -1.75 -26.60 -31.69
C LEU B 61 -1.35 -25.13 -31.85
N ASP B 62 -2.19 -24.22 -31.38
CA ASP B 62 -1.81 -22.81 -31.26
C ASP B 62 -1.88 -22.46 -29.78
N PHE B 63 -1.50 -23.44 -28.98
CA PHE B 63 -1.37 -23.31 -27.54
C PHE B 63 -2.53 -22.58 -26.84
N GLY B 64 -3.73 -23.12 -27.06
CA GLY B 64 -4.89 -22.65 -26.34
C GLY B 64 -5.82 -21.84 -27.21
N TYR B 65 -5.25 -21.23 -28.25
CA TYR B 65 -6.03 -20.39 -29.14
C TYR B 65 -6.79 -21.21 -30.20
N ASP B 66 -6.66 -22.54 -30.15
CA ASP B 66 -7.52 -23.41 -30.97
C ASP B 66 -8.44 -24.19 -30.02
N VAL B 67 -9.65 -23.66 -29.83
CA VAL B 67 -10.54 -24.12 -28.77
C VAL B 67 -11.48 -25.25 -29.20
N SER B 68 -11.48 -26.34 -28.45
CA SER B 68 -12.35 -27.46 -28.80
C SER B 68 -13.52 -27.57 -27.84
N ASP B 69 -13.47 -26.83 -26.73
CA ASP B 69 -14.63 -26.71 -25.83
C ASP B 69 -14.58 -25.35 -25.12
N TYR B 70 -15.50 -24.47 -25.47
CA TYR B 70 -15.53 -23.11 -24.94
C TYR B 70 -15.94 -23.05 -23.47
N ARG B 71 -16.56 -24.11 -22.97
CA ARG B 71 -17.15 -24.08 -21.62
C ARG B 71 -16.49 -25.04 -20.66
N ASP B 72 -15.19 -25.25 -20.81
CA ASP B 72 -14.47 -26.11 -19.87
C ASP B 72 -13.00 -25.73 -19.84
N VAL B 73 -12.32 -26.15 -18.78
CA VAL B 73 -10.89 -25.96 -18.59
C VAL B 73 -10.18 -27.20 -19.16
N ASP B 74 -9.12 -27.00 -19.95
CA ASP B 74 -8.37 -28.17 -20.42
C ASP B 74 -7.71 -28.90 -19.23
N PRO B 75 -7.78 -30.25 -19.24
CA PRO B 75 -7.25 -31.08 -18.14
C PRO B 75 -5.81 -30.76 -17.75
N MET B 76 -5.01 -30.33 -18.72
CA MET B 76 -3.61 -29.97 -18.45
C MET B 76 -3.52 -28.75 -17.56
N PHE B 77 -4.52 -27.88 -17.61
CA PHE B 77 -4.52 -26.68 -16.78
C PHE B 77 -5.25 -26.91 -15.46
N GLY B 78 -6.02 -28.00 -15.39
CA GLY B 78 -6.76 -28.30 -14.18
C GLY B 78 -8.23 -28.58 -14.43
N THR B 79 -9.09 -28.07 -13.54
CA THR B 79 -10.53 -28.28 -13.68
C THR B 79 -11.29 -26.96 -13.57
N LEU B 80 -12.59 -27.01 -13.85
CA LEU B 80 -13.42 -25.81 -13.71
C LEU B 80 -13.46 -25.32 -12.25
N GLU B 81 -13.45 -26.26 -11.31
CA GLU B 81 -13.43 -25.92 -9.90
C GLU B 81 -12.13 -25.19 -9.55
N ASP B 82 -11.03 -25.61 -10.17
CA ASP B 82 -9.79 -24.87 -10.00
C ASP B 82 -9.97 -23.42 -10.44
N PHE B 83 -10.66 -23.22 -11.56
CA PHE B 83 -10.89 -21.86 -12.02
C PHE B 83 -11.77 -21.04 -11.07
N LYS B 84 -12.84 -21.66 -10.56
CA LYS B 84 -13.72 -20.96 -9.61
C LYS B 84 -12.94 -20.57 -8.36
N ALA B 85 -12.05 -21.44 -7.93
CA ALA B 85 -11.17 -21.14 -6.80
C ALA B 85 -10.25 -19.94 -7.11
N LEU B 86 -9.68 -19.93 -8.31
CA LEU B 86 -8.81 -18.83 -8.72
C LEU B 86 -9.58 -17.53 -8.68
N LEU B 87 -10.78 -17.55 -9.27
CA LEU B 87 -11.62 -16.37 -9.39
C LEU B 87 -11.97 -15.83 -8.00
N GLU B 88 -12.32 -16.73 -7.09
CA GLU B 88 -12.68 -16.30 -5.74
C GLU B 88 -11.50 -15.68 -5.01
N LYS B 89 -10.32 -16.31 -5.10
CA LYS B 89 -9.19 -15.72 -4.40
C LYS B 89 -8.82 -14.34 -4.98
N ALA B 90 -8.90 -14.22 -6.30
CA ALA B 90 -8.56 -12.94 -6.92
C ALA B 90 -9.52 -11.87 -6.45
N HIS B 91 -10.81 -12.20 -6.43
CA HIS B 91 -11.81 -11.26 -5.95
C HIS B 91 -11.55 -10.86 -4.48
N SER B 92 -11.18 -11.84 -3.67
CA SER B 92 -10.87 -11.57 -2.26
C SER B 92 -9.66 -10.65 -2.13
N LEU B 93 -8.81 -10.62 -3.17
CA LEU B 93 -7.67 -9.70 -3.15
C LEU B 93 -7.96 -8.36 -3.85
N GLY B 94 -9.21 -8.14 -4.27
CA GLY B 94 -9.55 -6.90 -4.96
C GLY B 94 -9.11 -6.85 -6.42
N LEU B 95 -8.79 -8.01 -6.99
CA LEU B 95 -8.36 -8.09 -8.38
C LEU B 95 -9.54 -8.47 -9.28
N LYS B 96 -9.70 -7.76 -10.38
CA LYS B 96 -10.65 -8.18 -11.41
C LYS B 96 -10.07 -9.36 -12.18
N VAL B 97 -10.90 -10.29 -12.65
CA VAL B 97 -10.39 -11.39 -13.49
C VAL B 97 -11.03 -11.36 -14.85
N MET B 98 -10.20 -11.11 -15.87
CA MET B 98 -10.62 -11.19 -17.27
C MET B 98 -9.99 -12.40 -17.91
N ILE B 99 -10.68 -12.97 -18.90
CA ILE B 99 -10.12 -14.11 -19.61
C ILE B 99 -10.22 -13.92 -21.13
N ASP B 100 -9.35 -14.59 -21.87
CA ASP B 100 -9.42 -14.55 -23.32
C ASP B 100 -10.74 -15.15 -23.77
N GLN B 101 -11.29 -14.63 -24.86
CA GLN B 101 -12.37 -15.33 -25.56
C GLN B 101 -12.00 -15.37 -27.03
N VAL B 102 -12.00 -16.58 -27.61
CA VAL B 102 -11.51 -16.75 -28.97
C VAL B 102 -12.64 -17.24 -29.85
N ILE B 103 -13.46 -16.31 -30.32
CA ILE B 103 -14.70 -16.70 -30.99
C ILE B 103 -14.63 -16.54 -32.49
N SER B 104 -13.52 -15.99 -32.99
CA SER B 104 -13.38 -15.85 -34.42
C SER B 104 -13.18 -17.18 -35.12
N HIS B 105 -12.63 -18.17 -34.42
CA HIS B 105 -12.38 -19.48 -35.02
C HIS B 105 -12.36 -20.51 -33.91
N THR B 106 -12.63 -21.78 -34.28
CA THR B 106 -12.57 -22.87 -33.33
C THR B 106 -11.45 -23.79 -33.73
N SER B 107 -11.11 -24.74 -32.87
CA SER B 107 -10.28 -25.87 -33.32
C SER B 107 -11.08 -26.70 -34.30
N ASP B 108 -10.40 -27.42 -35.20
CA ASP B 108 -11.10 -28.33 -36.09
C ASP B 108 -11.54 -29.57 -35.34
N GLN B 109 -11.09 -29.68 -34.08
CA GLN B 109 -11.54 -30.74 -33.18
C GLN B 109 -12.82 -30.34 -32.45
N HIS B 110 -13.25 -29.09 -32.63
CA HIS B 110 -14.50 -28.64 -32.01
C HIS B 110 -15.67 -29.38 -32.66
N PRO B 111 -16.61 -29.87 -31.83
CA PRO B 111 -17.81 -30.59 -32.29
C PRO B 111 -18.57 -29.84 -33.40
N TRP B 112 -18.60 -28.51 -33.33
CA TRP B 112 -19.25 -27.74 -34.39
C TRP B 112 -18.62 -28.00 -35.76
N PHE B 113 -17.29 -28.03 -35.82
CA PHE B 113 -16.62 -28.21 -37.10
C PHE B 113 -16.67 -29.66 -37.55
N GLN B 114 -16.47 -30.57 -36.59
CA GLN B 114 -16.67 -31.99 -36.85
C GLN B 114 -18.01 -32.21 -37.54
N GLU B 115 -19.05 -31.52 -37.06
CA GLU B 115 -20.37 -31.63 -37.69
C GLU B 115 -20.42 -30.93 -39.04
N SER B 116 -20.00 -29.65 -39.06
CA SER B 116 -20.09 -28.80 -40.25
C SER B 116 -19.44 -29.44 -41.47
N ARG B 117 -18.32 -30.11 -41.24
CA ARG B 117 -17.48 -30.63 -42.32
C ARG B 117 -18.00 -31.89 -43.01
N GLN B 118 -18.98 -32.56 -42.40
CA GLN B 118 -19.43 -33.86 -42.92
C GLN B 118 -20.05 -33.78 -44.31
N ASN B 119 -20.79 -32.70 -44.56
CA ASN B 119 -21.48 -32.53 -45.82
C ASN B 119 -21.93 -31.10 -45.97
N ARG B 120 -22.67 -30.81 -47.04
CA ARG B 120 -23.15 -29.46 -47.26
C ARG B 120 -24.55 -29.20 -46.69
N THR B 121 -25.14 -30.20 -46.03
CA THR B 121 -26.55 -30.10 -45.64
C THR B 121 -26.87 -30.16 -44.14
N ASN B 122 -25.93 -30.66 -43.35
CA ASN B 122 -26.11 -30.75 -41.91
C ASN B 122 -26.45 -29.38 -41.29
N PRO B 123 -27.00 -29.37 -40.05
CA PRO B 123 -27.42 -28.12 -39.40
C PRO B 123 -26.30 -27.07 -39.24
N LYS B 124 -25.05 -27.50 -39.17
CA LYS B 124 -23.96 -26.55 -38.99
C LYS B 124 -23.11 -26.34 -40.26
N ALA B 125 -23.70 -26.67 -41.40
CA ALA B 125 -22.99 -26.55 -42.68
C ALA B 125 -22.47 -25.15 -42.93
N ASP B 126 -23.21 -24.14 -42.49
CA ASP B 126 -22.88 -22.75 -42.77
C ASP B 126 -22.32 -22.01 -41.57
N TRP B 127 -21.98 -22.75 -40.51
CA TRP B 127 -21.43 -22.13 -39.31
C TRP B 127 -19.97 -21.79 -39.52
N PHE B 128 -19.36 -22.40 -40.53
CA PHE B 128 -18.01 -22.06 -40.94
C PHE B 128 -18.01 -21.61 -42.39
N VAL B 129 -16.84 -21.22 -42.88
CA VAL B 129 -16.75 -20.53 -44.16
C VAL B 129 -16.27 -21.49 -45.23
N TRP B 130 -17.21 -22.04 -45.99
CA TRP B 130 -16.94 -23.03 -47.03
C TRP B 130 -17.11 -22.40 -48.41
N ALA B 131 -16.27 -22.82 -49.36
CA ALA B 131 -16.38 -22.29 -50.72
C ALA B 131 -15.85 -23.31 -51.71
N ASP B 132 -16.46 -23.34 -52.89
CA ASP B 132 -16.02 -24.21 -53.96
C ASP B 132 -14.63 -23.85 -54.42
N PRO B 133 -13.86 -24.85 -54.87
CA PRO B 133 -12.61 -24.56 -55.57
C PRO B 133 -12.92 -23.71 -56.80
N LYS B 134 -11.94 -22.96 -57.28
CA LYS B 134 -12.01 -22.43 -58.63
C LYS B 134 -12.09 -23.58 -59.63
N PRO B 135 -12.49 -23.29 -60.89
CA PRO B 135 -12.57 -24.38 -61.88
C PRO B 135 -11.28 -25.19 -62.03
N ASP B 136 -10.11 -24.60 -61.77
CA ASP B 136 -8.87 -25.35 -61.85
C ASP B 136 -8.50 -26.05 -60.54
N GLY B 137 -9.42 -26.01 -59.57
CA GLY B 137 -9.23 -26.70 -58.31
C GLY B 137 -8.53 -25.90 -57.22
N THR B 138 -8.15 -24.66 -57.53
CA THR B 138 -7.35 -23.85 -56.62
C THR B 138 -8.26 -23.12 -55.61
N PRO B 139 -7.68 -22.52 -54.55
CA PRO B 139 -8.49 -21.76 -53.58
C PRO B 139 -9.36 -20.66 -54.21
N PRO B 140 -10.50 -20.32 -53.56
CA PRO B 140 -11.47 -19.36 -54.11
C PRO B 140 -10.91 -17.96 -54.25
N ASN B 141 -9.90 -17.61 -53.47
CA ASN B 141 -9.29 -16.30 -53.63
C ASN B 141 -7.85 -16.22 -53.14
N ASN B 142 -7.32 -14.99 -53.05
CA ASN B 142 -5.90 -14.80 -52.76
C ASN B 142 -5.56 -14.61 -51.28
N TRP B 143 -6.52 -14.86 -50.39
CA TRP B 143 -6.29 -14.59 -48.96
C TRP B 143 -5.27 -15.55 -48.39
N LEU B 144 -4.39 -15.05 -47.51
CA LEU B 144 -3.30 -15.85 -46.99
C LEU B 144 -3.47 -16.10 -45.50
N SER B 145 -3.06 -17.28 -45.05
CA SER B 145 -2.96 -17.51 -43.61
C SER B 145 -1.77 -16.74 -43.04
N ILE B 146 -2.00 -16.07 -41.91
CA ILE B 146 -0.94 -15.41 -41.17
C ILE B 146 0.12 -16.43 -40.79
N PHE B 147 -0.29 -17.66 -40.56
CA PHE B 147 0.66 -18.69 -40.14
C PHE B 147 1.23 -19.48 -41.32
N GLY B 148 0.98 -19.03 -42.54
CA GLY B 148 1.67 -19.62 -43.68
C GLY B 148 0.74 -20.29 -44.68
N GLY B 149 1.02 -20.10 -45.96
CA GLY B 149 0.21 -20.69 -47.02
C GLY B 149 -1.14 -19.98 -47.20
N SER B 150 -1.95 -20.53 -48.09
CA SER B 150 -3.28 -20.00 -48.38
C SER B 150 -4.14 -19.98 -47.12
N ALA B 151 -5.08 -19.04 -47.05
CA ALA B 151 -6.05 -19.04 -45.95
C ALA B 151 -7.13 -20.10 -46.16
N TRP B 152 -7.03 -20.87 -47.25
CA TRP B 152 -8.04 -21.90 -47.56
C TRP B 152 -7.46 -23.29 -47.57
N THR B 153 -8.15 -24.24 -46.96
CA THR B 153 -7.73 -25.63 -46.97
C THR B 153 -8.82 -26.56 -47.51
N PHE B 154 -8.47 -27.45 -48.43
CA PHE B 154 -9.42 -28.35 -49.06
C PHE B 154 -9.84 -29.47 -48.15
N ASP B 155 -11.14 -29.74 -48.11
CA ASP B 155 -11.69 -30.85 -47.35
C ASP B 155 -12.50 -31.71 -48.32
N SER B 156 -12.02 -32.95 -48.45
CA SER B 156 -12.54 -33.92 -49.41
C SER B 156 -13.99 -34.33 -49.16
N ARG B 157 -14.43 -34.30 -47.91
CA ARG B 157 -15.81 -34.72 -47.60
C ARG B 157 -16.80 -33.82 -48.34
N ARG B 158 -16.51 -32.53 -48.37
CA ARG B 158 -17.43 -31.58 -49.00
C ARG B 158 -16.95 -31.19 -50.37
N GLN B 159 -15.72 -31.59 -50.70
CA GLN B 159 -15.06 -31.14 -51.92
C GLN B 159 -15.06 -29.60 -51.94
N GLN B 160 -14.74 -29.03 -50.78
CA GLN B 160 -14.74 -27.57 -50.66
C GLN B 160 -13.58 -27.09 -49.82
N TYR B 161 -13.19 -25.83 -49.98
CA TYR B 161 -12.20 -25.23 -49.11
C TYR B 161 -12.89 -24.62 -47.91
N TYR B 162 -12.24 -24.68 -46.74
CA TYR B 162 -12.66 -23.87 -45.60
C TYR B 162 -11.62 -22.82 -45.27
N LEU B 163 -12.10 -21.72 -44.70
CA LEU B 163 -11.26 -20.57 -44.40
C LEU B 163 -10.62 -20.71 -43.03
N HIS B 164 -9.36 -20.29 -42.95
CA HIS B 164 -8.65 -20.16 -41.68
C HIS B 164 -7.61 -19.05 -41.75
N ASN B 165 -7.82 -17.97 -41.00
CA ASN B 165 -6.80 -16.90 -40.96
C ASN B 165 -5.57 -17.40 -40.23
N PHE B 166 -5.76 -18.39 -39.37
CA PHE B 166 -4.63 -18.95 -38.64
C PHE B 166 -4.28 -20.40 -39.05
N LEU B 167 -4.06 -21.32 -38.11
CA LEU B 167 -3.65 -22.68 -38.51
C LEU B 167 -4.74 -23.35 -39.32
N THR B 168 -4.38 -24.35 -40.12
CA THR B 168 -5.36 -25.14 -40.84
C THR B 168 -6.35 -25.75 -39.84
N SER B 169 -5.86 -25.99 -38.62
CA SER B 169 -6.70 -26.55 -37.56
C SER B 169 -7.44 -25.48 -36.76
N GLN B 170 -7.49 -24.26 -37.31
CA GLN B 170 -8.27 -23.17 -36.71
C GLN B 170 -9.26 -22.57 -37.71
N PRO B 171 -10.28 -23.33 -38.13
CA PRO B 171 -11.27 -22.81 -39.09
C PRO B 171 -12.08 -21.64 -38.55
N ASP B 172 -12.23 -20.61 -39.39
CA ASP B 172 -13.00 -19.41 -39.07
C ASP B 172 -14.50 -19.71 -39.01
N VAL B 173 -15.15 -19.13 -38.01
CA VAL B 173 -16.61 -19.19 -37.87
C VAL B 173 -17.23 -18.18 -38.84
N ASN B 174 -18.33 -18.57 -39.46
CA ASN B 174 -19.03 -17.71 -40.41
C ASN B 174 -19.99 -16.76 -39.66
N PHE B 175 -19.53 -15.56 -39.34
CA PHE B 175 -20.36 -14.63 -38.59
C PHE B 175 -21.54 -14.10 -39.40
N HIS B 176 -21.56 -14.37 -40.70
CA HIS B 176 -22.74 -14.01 -41.49
C HIS B 176 -23.93 -14.91 -41.16
N HIS B 177 -23.66 -15.97 -40.41
CA HIS B 177 -24.72 -16.88 -39.97
C HIS B 177 -25.13 -16.48 -38.54
N PRO B 178 -26.31 -15.86 -38.39
CA PRO B 178 -26.70 -15.32 -37.07
C PRO B 178 -26.68 -16.34 -35.94
N GLU B 179 -27.01 -17.60 -36.21
CA GLU B 179 -26.98 -18.63 -35.18
C GLU B 179 -25.58 -18.90 -34.66
N ALA B 180 -24.57 -18.85 -35.54
CA ALA B 180 -23.20 -19.05 -35.07
C ALA B 180 -22.79 -17.90 -34.16
N ARG B 181 -23.16 -16.68 -34.55
CA ARG B 181 -22.93 -15.49 -33.74
C ARG B 181 -23.53 -15.66 -32.35
N GLN B 182 -24.82 -16.00 -32.33
CA GLN B 182 -25.53 -16.15 -31.08
C GLN B 182 -24.88 -17.25 -30.24
N ALA B 183 -24.45 -18.32 -30.90
CA ALA B 183 -23.77 -19.41 -30.19
C ALA B 183 -22.48 -18.95 -29.51
N GLN B 184 -21.75 -18.04 -30.15
CA GLN B 184 -20.53 -17.52 -29.52
C GLN B 184 -20.84 -16.58 -28.35
N LEU B 185 -21.86 -15.75 -28.53
CA LEU B 185 -22.35 -14.94 -27.41
C LEU B 185 -22.73 -15.82 -26.22
N ASP B 186 -23.43 -16.92 -26.48
CA ASP B 186 -23.83 -17.87 -25.43
C ASP B 186 -22.61 -18.49 -24.76
N ASN B 187 -21.59 -18.82 -25.56
CA ASN B 187 -20.36 -19.32 -24.97
C ASN B 187 -19.77 -18.31 -24.00
N MET B 188 -19.81 -17.03 -24.36
CA MET B 188 -19.31 -15.97 -23.47
C MET B 188 -20.15 -15.85 -22.19
N ARG B 189 -21.47 -15.96 -22.36
CA ARG B 189 -22.39 -15.84 -21.23
C ARG B 189 -22.07 -16.89 -20.20
N PHE B 190 -21.62 -18.06 -20.67
CA PHE B 190 -21.25 -19.09 -19.70
C PHE B 190 -20.25 -18.57 -18.65
N TRP B 191 -19.24 -17.81 -19.09
CA TRP B 191 -18.23 -17.32 -18.17
C TRP B 191 -18.75 -16.10 -17.43
N LEU B 192 -19.63 -15.32 -18.06
CA LEU B 192 -20.24 -14.20 -17.34
C LEU B 192 -21.05 -14.66 -16.13
N ASP B 193 -21.75 -15.77 -16.28
CA ASP B 193 -22.58 -16.29 -15.18
C ASP B 193 -21.72 -16.87 -14.07
N LEU B 194 -20.45 -17.17 -14.36
CA LEU B 194 -19.56 -17.62 -13.30
C LEU B 194 -18.99 -16.46 -12.51
N GLY B 195 -19.23 -15.24 -12.98
CA GLY B 195 -18.74 -14.05 -12.29
C GLY B 195 -17.41 -13.50 -12.82
N VAL B 196 -17.02 -13.91 -14.03
CA VAL B 196 -15.81 -13.34 -14.63
C VAL B 196 -16.03 -11.84 -14.85
N ASP B 197 -14.95 -11.05 -14.77
CA ASP B 197 -15.09 -9.61 -14.82
C ASP B 197 -14.94 -9.00 -16.22
N GLY B 198 -14.65 -9.83 -17.21
CA GLY B 198 -14.48 -9.28 -18.55
C GLY B 198 -13.70 -10.20 -19.48
N PHE B 199 -13.47 -9.72 -20.69
CA PHE B 199 -12.91 -10.55 -21.74
C PHE B 199 -11.86 -9.80 -22.55
N ARG B 200 -10.75 -10.47 -22.83
CA ARG B 200 -9.89 -10.01 -23.90
C ARG B 200 -10.39 -10.71 -25.15
N LEU B 201 -10.78 -9.92 -26.15
CA LEU B 201 -11.37 -10.49 -27.34
C LEU B 201 -10.29 -10.69 -28.41
N ASP B 202 -9.89 -11.94 -28.54
CA ASP B 202 -8.94 -12.36 -29.55
C ASP B 202 -9.43 -11.95 -30.92
N THR B 203 -8.50 -11.36 -31.69
CA THR B 203 -8.70 -10.99 -33.10
C THR B 203 -10.07 -10.40 -33.38
N VAL B 204 -10.41 -9.36 -32.62
CA VAL B 204 -11.79 -8.91 -32.56
C VAL B 204 -12.31 -8.36 -33.90
N ASN B 205 -11.40 -7.86 -34.73
CA ASN B 205 -11.81 -7.37 -36.04
C ASN B 205 -11.83 -8.44 -37.16
N PHE B 206 -11.48 -9.68 -36.82
CA PHE B 206 -11.49 -10.78 -37.80
C PHE B 206 -12.86 -11.46 -37.95
N TYR B 207 -13.79 -11.15 -37.04
CA TYR B 207 -15.08 -11.86 -36.97
C TYR B 207 -15.78 -12.08 -38.31
N PHE B 208 -15.94 -11.00 -39.06
CA PHE B 208 -16.57 -11.05 -40.37
C PHE B 208 -15.52 -11.03 -41.49
N HIS B 209 -15.79 -11.81 -42.54
CA HIS B 209 -15.02 -11.75 -43.77
C HIS B 209 -16.01 -11.30 -44.84
N ASP B 210 -15.49 -10.83 -45.98
CA ASP B 210 -16.32 -10.48 -47.15
C ASP B 210 -17.01 -11.70 -47.77
N ALA B 211 -18.34 -11.72 -47.76
CA ALA B 211 -19.06 -12.88 -48.32
C ALA B 211 -18.90 -12.99 -49.83
N GLU B 212 -18.51 -11.90 -50.50
CA GLU B 212 -18.25 -11.96 -51.94
C GLU B 212 -16.88 -12.59 -52.22
N LEU B 213 -16.09 -12.77 -51.16
CA LEU B 213 -14.80 -13.44 -51.26
C LEU B 213 -13.85 -12.74 -52.22
N ARG B 214 -13.96 -11.42 -52.29
CA ARG B 214 -13.12 -10.63 -53.18
C ARG B 214 -11.63 -10.70 -52.83
N ASP B 215 -10.79 -10.70 -53.86
CA ASP B 215 -9.34 -10.67 -53.70
C ASP B 215 -8.89 -9.36 -53.05
N ASN B 216 -7.92 -9.45 -52.16
CA ASN B 216 -7.29 -8.25 -51.60
C ASN B 216 -6.34 -7.65 -52.62
N PRO B 217 -6.20 -6.31 -52.59
CA PRO B 217 -5.20 -5.68 -53.45
C PRO B 217 -3.79 -5.80 -52.86
N PRO B 218 -2.74 -5.67 -53.70
CA PRO B 218 -1.39 -5.69 -53.15
C PRO B 218 -1.12 -4.37 -52.44
N VAL B 219 -0.13 -4.38 -51.55
CA VAL B 219 0.38 -3.14 -50.98
C VAL B 219 1.14 -2.39 -52.06
N PRO B 220 0.75 -1.12 -52.30
CA PRO B 220 1.43 -0.27 -53.29
C PRO B 220 2.92 -0.12 -52.96
N LYS B 221 3.78 -0.15 -53.98
CA LYS B 221 5.24 -0.30 -53.82
C LYS B 221 5.96 0.57 -52.75
N GLY B 222 5.49 1.78 -52.50
CA GLY B 222 6.16 2.62 -51.53
C GLY B 222 5.68 2.53 -50.08
N GLU B 223 4.55 1.87 -49.88
CA GLU B 223 3.86 1.93 -48.59
C GLU B 223 4.38 1.02 -47.46
N ALA B 224 4.07 1.40 -46.23
CA ALA B 224 4.48 0.66 -45.03
C ALA B 224 3.67 -0.63 -44.86
N LYS B 225 4.30 -1.65 -44.29
CA LYS B 225 3.63 -2.91 -44.04
C LYS B 225 2.87 -2.88 -42.70
N THR B 226 1.96 -3.83 -42.51
CA THR B 226 1.19 -3.88 -41.27
C THR B 226 2.10 -4.14 -40.07
N LEU B 227 1.70 -3.59 -38.92
CA LEU B 227 2.46 -3.71 -37.68
C LEU B 227 2.28 -5.06 -37.00
N GLY B 228 1.25 -5.79 -37.40
CA GLY B 228 0.91 -7.03 -36.72
C GLY B 228 1.62 -8.29 -37.18
N ALA B 229 2.57 -8.15 -38.10
CA ALA B 229 3.24 -9.32 -38.68
C ALA B 229 4.66 -8.96 -39.15
N PRO B 230 5.61 -9.91 -39.03
CA PRO B 230 6.99 -9.66 -39.47
C PRO B 230 7.05 -9.46 -40.98
N GLU B 231 7.95 -8.61 -41.45
CA GLU B 231 7.97 -8.25 -42.87
C GLU B 231 8.36 -9.46 -43.73
N ALA B 232 8.96 -10.46 -43.10
CA ALA B 232 9.32 -11.68 -43.80
C ALA B 232 8.10 -12.54 -44.17
N ASN B 233 6.93 -12.20 -43.63
CA ASN B 233 5.70 -12.95 -43.86
C ASN B 233 4.98 -12.41 -45.09
N PRO B 234 4.72 -13.28 -46.09
CA PRO B 234 4.02 -12.83 -47.31
C PRO B 234 2.60 -12.31 -47.08
N TYR B 235 2.03 -12.61 -45.91
CA TYR B 235 0.77 -11.99 -45.50
C TYR B 235 0.86 -10.46 -45.61
N THR B 236 2.04 -9.92 -45.36
CA THR B 236 2.21 -8.46 -45.38
C THR B 236 2.23 -7.87 -46.81
N TRP B 237 2.08 -8.72 -47.83
CA TRP B 237 2.12 -8.23 -49.21
C TRP B 237 0.77 -7.73 -49.72
N GLN B 238 -0.29 -7.99 -48.97
CA GLN B 238 -1.63 -7.55 -49.36
C GLN B 238 -2.14 -6.48 -48.42
N ARG B 239 -2.99 -5.61 -48.94
CA ARG B 239 -3.80 -4.76 -48.08
C ARG B 239 -4.92 -5.67 -47.61
N HIS B 240 -5.22 -5.65 -46.32
CA HIS B 240 -6.24 -6.55 -45.81
C HIS B 240 -7.57 -5.85 -45.69
N VAL B 241 -8.37 -5.95 -46.75
CA VAL B 241 -9.64 -5.22 -46.82
C VAL B 241 -10.89 -6.12 -46.80
N TYR B 242 -10.81 -7.26 -47.48
CA TYR B 242 -11.96 -8.16 -47.60
C TYR B 242 -11.89 -9.35 -46.66
N ASP B 243 -10.68 -9.67 -46.20
CA ASP B 243 -10.51 -10.84 -45.33
C ASP B 243 -10.85 -10.53 -43.87
N LEU B 244 -11.02 -9.25 -43.55
CA LEU B 244 -11.32 -8.84 -42.18
C LEU B 244 -11.87 -7.42 -42.10
N SER B 245 -12.13 -6.94 -40.87
CA SER B 245 -12.62 -5.59 -40.63
C SER B 245 -13.75 -5.16 -41.56
N ARG B 246 -14.80 -5.97 -41.61
CA ARG B 246 -15.98 -5.71 -42.45
C ARG B 246 -17.01 -4.86 -41.68
N PRO B 247 -17.85 -4.10 -42.40
CA PRO B 247 -18.77 -3.19 -41.72
C PRO B 247 -19.73 -3.91 -40.78
N GLU B 248 -20.14 -5.12 -41.17
CA GLU B 248 -21.12 -5.86 -40.40
C GLU B 248 -20.67 -6.07 -38.94
N ASN B 249 -19.35 -6.10 -38.73
CA ASN B 249 -18.85 -6.32 -37.37
C ASN B 249 -19.30 -5.24 -36.39
N LEU B 250 -19.48 -4.01 -36.88
CA LEU B 250 -19.90 -2.94 -35.99
C LEU B 250 -21.23 -3.34 -35.35
N ASP B 251 -22.16 -3.81 -36.18
CA ASP B 251 -23.44 -4.19 -35.62
C ASP B 251 -23.25 -5.32 -34.61
N PHE B 252 -22.39 -6.28 -34.94
CA PHE B 252 -22.22 -7.39 -34.02
C PHE B 252 -21.60 -6.90 -32.72
N LEU B 253 -20.69 -5.92 -32.80
CA LEU B 253 -20.07 -5.47 -31.56
C LEU B 253 -21.15 -4.93 -30.62
N LYS B 254 -22.17 -4.30 -31.21
CA LYS B 254 -23.28 -3.80 -30.39
C LYS B 254 -23.95 -4.97 -29.67
N ASP B 255 -24.24 -6.05 -30.42
CA ASP B 255 -24.86 -7.22 -29.82
C ASP B 255 -23.97 -7.70 -28.68
N LEU B 256 -22.66 -7.71 -28.92
CA LEU B 256 -21.74 -8.23 -27.91
C LEU B 256 -21.77 -7.29 -26.70
N ARG B 257 -21.75 -5.99 -26.95
CA ARG B 257 -21.79 -5.04 -25.85
C ARG B 257 -23.10 -5.26 -25.08
N ALA B 258 -24.18 -5.60 -25.79
CA ALA B 258 -25.47 -5.78 -25.12
C ALA B 258 -25.35 -6.91 -24.11
N LEU B 259 -24.64 -7.98 -24.49
CA LEU B 259 -24.49 -9.09 -23.58
C LEU B 259 -23.75 -8.58 -22.35
N MET B 260 -22.67 -7.85 -22.59
CA MET B 260 -21.85 -7.35 -21.50
C MET B 260 -22.69 -6.45 -20.59
N ASP B 261 -23.63 -5.71 -21.18
CA ASP B 261 -24.40 -4.76 -20.39
C ASP B 261 -25.34 -5.45 -19.40
N GLU B 262 -25.64 -6.72 -19.64
CA GLU B 262 -26.44 -7.50 -18.69
C GLU B 262 -25.64 -7.80 -17.41
N TYR B 263 -24.35 -7.48 -17.45
CA TYR B 263 -23.45 -7.78 -16.34
C TYR B 263 -22.64 -6.54 -15.95
N PRO B 264 -23.28 -5.63 -15.18
CA PRO B 264 -22.70 -4.34 -14.81
C PRO B 264 -21.30 -4.49 -14.21
N GLY B 265 -20.38 -3.63 -14.62
CA GLY B 265 -19.02 -3.73 -14.13
C GLY B 265 -18.11 -4.64 -14.94
N THR B 266 -18.66 -5.36 -15.92
CA THR B 266 -17.80 -6.16 -16.80
C THR B 266 -17.27 -5.33 -17.96
N THR B 267 -16.19 -5.79 -18.59
CA THR B 267 -15.52 -5.01 -19.63
C THR B 267 -14.98 -5.90 -20.75
N THR B 268 -14.52 -5.26 -21.83
CA THR B 268 -13.90 -5.95 -22.95
C THR B 268 -12.69 -5.17 -23.45
N VAL B 269 -11.59 -5.88 -23.71
CA VAL B 269 -10.47 -5.28 -24.43
C VAL B 269 -10.26 -6.11 -25.71
N GLY B 270 -10.43 -5.46 -26.86
CA GLY B 270 -10.31 -6.17 -28.12
C GLY B 270 -8.89 -6.12 -28.61
N GLU B 271 -8.43 -7.23 -29.21
CA GLU B 271 -7.15 -7.22 -29.92
C GLU B 271 -7.33 -6.81 -31.37
N ILE B 272 -6.70 -5.72 -31.78
CA ILE B 272 -6.83 -5.24 -33.15
C ILE B 272 -5.62 -5.67 -34.02
N GLY B 273 -5.91 -6.29 -35.17
CA GLY B 273 -4.88 -6.61 -36.16
C GLY B 273 -5.37 -6.14 -37.52
N ASP B 274 -4.94 -4.95 -37.91
CA ASP B 274 -5.55 -4.20 -39.01
C ASP B 274 -4.47 -3.33 -39.66
N ASP B 275 -4.68 -2.95 -40.93
CA ASP B 275 -3.75 -2.05 -41.64
C ASP B 275 -3.75 -0.64 -41.06
N ASN B 276 -4.86 -0.22 -40.47
CA ASN B 276 -4.95 1.09 -39.83
C ASN B 276 -5.48 0.93 -38.42
N PRO B 277 -4.64 0.40 -37.51
CA PRO B 277 -5.10 -0.06 -36.20
C PRO B 277 -5.63 1.03 -35.24
N LEU B 278 -5.05 2.23 -35.21
CA LEU B 278 -5.58 3.28 -34.37
C LEU B 278 -6.99 3.62 -34.80
N GLU B 279 -7.19 3.77 -36.11
CA GLU B 279 -8.51 4.09 -36.61
C GLU B 279 -9.51 2.99 -36.27
N ARG B 280 -9.12 1.73 -36.38
CA ARG B 280 -10.02 0.64 -36.04
C ARG B 280 -10.32 0.64 -34.55
N MET B 281 -9.33 0.95 -33.73
CA MET B 281 -9.55 0.94 -32.29
C MET B 281 -10.51 2.06 -31.88
N ALA B 282 -10.31 3.24 -32.46
CA ALA B 282 -11.20 4.37 -32.18
C ALA B 282 -12.62 4.03 -32.64
N GLU B 283 -12.73 3.48 -33.85
CA GLU B 283 -14.02 3.08 -34.38
C GLU B 283 -14.70 2.07 -33.48
N TYR B 284 -13.94 1.08 -33.01
CA TYR B 284 -14.52 -0.03 -32.26
C TYR B 284 -14.85 0.36 -30.81
N THR B 285 -14.18 1.39 -30.28
CA THR B 285 -14.41 1.76 -28.88
C THR B 285 -15.25 3.04 -28.70
N ALA B 286 -15.60 3.69 -29.81
CA ALA B 286 -16.42 4.90 -29.73
C ALA B 286 -17.88 4.50 -29.53
N GLY B 287 -18.73 5.49 -29.27
CA GLY B 287 -20.17 5.30 -29.20
C GLY B 287 -20.74 4.79 -27.90
N GLY B 288 -19.88 4.27 -27.01
CA GLY B 288 -20.36 3.72 -25.75
C GLY B 288 -21.25 2.50 -25.91
N ASP B 289 -21.40 2.05 -27.15
CA ASP B 289 -22.30 0.94 -27.44
C ASP B 289 -21.60 -0.26 -28.06
N LYS B 290 -20.26 -0.20 -28.12
CA LYS B 290 -19.47 -1.27 -28.71
C LYS B 290 -18.42 -1.78 -27.72
N LEU B 291 -17.15 -1.85 -28.11
CA LEU B 291 -16.12 -2.30 -27.19
C LEU B 291 -15.80 -1.26 -26.11
N HIS B 292 -15.45 -1.73 -24.93
CA HIS B 292 -15.02 -0.81 -23.87
C HIS B 292 -13.64 -0.27 -24.16
N MET B 293 -12.75 -1.16 -24.59
CA MET B 293 -11.40 -0.75 -24.96
C MET B 293 -10.78 -1.72 -25.96
N ALA B 294 -9.64 -1.33 -26.51
CA ALA B 294 -8.88 -2.19 -27.41
C ALA B 294 -7.42 -1.77 -27.43
N TYR B 295 -6.55 -2.71 -27.76
CA TYR B 295 -5.14 -2.39 -27.96
C TYR B 295 -4.72 -2.66 -29.39
N THR B 296 -3.64 -2.00 -29.82
CA THR B 296 -3.11 -2.15 -31.16
C THR B 296 -1.64 -2.54 -31.06
N PHE B 297 -1.00 -2.76 -32.22
CA PHE B 297 0.41 -3.11 -32.21
C PHE B 297 1.31 -1.89 -32.38
N ASP B 298 0.76 -0.69 -32.23
CA ASP B 298 1.54 0.53 -32.40
C ASP B 298 2.68 0.65 -31.41
N LEU B 299 2.44 0.22 -30.17
CA LEU B 299 3.48 0.24 -29.15
C LEU B 299 4.07 -1.15 -28.98
N LEU B 300 3.76 -2.05 -29.90
CA LEU B 300 4.22 -3.43 -29.83
C LEU B 300 5.18 -3.73 -30.97
N ASN B 301 5.79 -2.68 -31.52
CA ASN B 301 6.71 -2.85 -32.65
C ASN B 301 8.13 -2.30 -32.34
N MET B 302 8.83 -1.85 -33.36
CA MET B 302 10.22 -1.41 -33.18
C MET B 302 10.41 0.04 -32.76
N PRO B 303 9.64 0.97 -33.37
CA PRO B 303 9.83 2.36 -32.93
C PRO B 303 9.47 2.62 -31.47
N HIS B 304 10.23 3.49 -30.81
CA HIS B 304 10.06 3.72 -29.39
C HIS B 304 10.57 5.06 -28.87
N SER B 305 11.03 5.92 -29.78
CA SER B 305 11.53 7.23 -29.41
C SER B 305 10.40 8.08 -28.85
N ALA B 306 10.75 9.14 -28.12
CA ALA B 306 9.77 10.09 -27.64
C ALA B 306 8.99 10.75 -28.77
N SER B 307 9.67 11.00 -29.90
CA SER B 307 8.99 11.54 -31.08
C SER B 307 7.97 10.54 -31.65
N TYR B 308 8.34 9.26 -31.72
CA TYR B 308 7.37 8.24 -32.14
C TYR B 308 6.14 8.22 -31.22
N LEU B 309 6.38 8.24 -29.92
CA LEU B 309 5.28 8.23 -28.96
C LEU B 309 4.43 9.48 -29.16
N ARG B 310 5.08 10.60 -29.46
CA ARG B 310 4.35 11.82 -29.75
C ARG B 310 3.43 11.66 -30.97
N GLU B 311 3.95 11.12 -32.07
CA GLU B 311 3.08 10.94 -33.24
C GLU B 311 1.92 9.97 -32.98
N VAL B 312 2.18 8.90 -32.24
CA VAL B 312 1.07 7.99 -31.91
C VAL B 312 0.00 8.75 -31.14
N ILE B 313 0.44 9.56 -30.16
CA ILE B 313 -0.50 10.35 -29.37
C ILE B 313 -1.28 11.38 -30.20
N GLU B 314 -0.58 12.14 -31.04
CA GLU B 314 -1.24 13.12 -31.93
C GLU B 314 -2.26 12.45 -32.84
N ARG B 315 -1.83 11.39 -33.50
CA ARG B 315 -2.70 10.63 -34.39
C ARG B 315 -3.95 10.18 -33.66
N PHE B 316 -3.77 9.57 -32.49
CA PHE B 316 -4.94 9.06 -31.77
C PHE B 316 -5.86 10.19 -31.31
N GLN B 317 -5.26 11.32 -30.97
CA GLN B 317 -6.03 12.45 -30.48
C GLN B 317 -6.86 13.08 -31.59
N ARG B 318 -6.41 12.94 -32.84
CA ARG B 318 -7.20 13.40 -33.99
C ARG B 318 -8.42 12.50 -34.26
N LEU B 319 -8.42 11.32 -33.66
CA LEU B 319 -9.51 10.36 -33.85
C LEU B 319 -10.62 10.65 -32.84
N ALA B 320 -11.61 9.76 -32.78
CA ALA B 320 -12.80 10.01 -31.97
C ALA B 320 -12.53 10.22 -30.47
N GLY B 321 -12.95 11.38 -29.96
CA GLY B 321 -12.74 11.75 -28.56
C GLY B 321 -13.48 10.80 -27.64
N ASP B 322 -14.34 10.00 -28.25
CA ASP B 322 -15.25 9.09 -27.57
C ASP B 322 -14.62 7.70 -27.39
N ALA B 323 -13.47 7.48 -28.01
CA ALA B 323 -12.75 6.20 -27.96
C ALA B 323 -12.01 5.99 -26.63
N TRP B 324 -11.66 4.74 -26.32
CA TRP B 324 -10.81 4.48 -25.15
C TRP B 324 -9.77 3.41 -25.41
N PRO B 325 -8.48 3.78 -25.37
CA PRO B 325 -7.39 2.84 -25.67
C PRO B 325 -6.91 2.04 -24.47
N CYS B 326 -6.43 0.83 -24.72
CA CYS B 326 -5.63 0.12 -23.75
C CYS B 326 -4.23 0.02 -24.34
N TRP B 327 -3.24 0.47 -23.59
CA TRP B 327 -1.86 0.48 -24.09
C TRP B 327 -1.10 -0.70 -23.55
N ALA B 328 -0.28 -1.29 -24.43
CA ALA B 328 0.55 -2.43 -24.07
C ALA B 328 1.90 -2.35 -24.78
N THR B 329 2.97 -2.70 -24.07
CA THR B 329 4.31 -2.72 -24.65
C THR B 329 4.83 -4.14 -24.75
N SER B 330 4.11 -5.10 -24.17
CA SER B 330 4.43 -6.52 -24.31
C SER B 330 3.20 -7.41 -24.20
N ASN B 331 3.27 -8.55 -24.88
CA ASN B 331 2.32 -9.63 -24.65
C ASN B 331 2.91 -10.95 -25.11
N HIS B 332 2.07 -11.96 -25.22
CA HIS B 332 2.49 -13.30 -25.54
C HIS B 332 2.77 -13.48 -27.05
N ASP B 333 2.59 -12.40 -27.82
CA ASP B 333 2.79 -12.49 -29.27
C ASP B 333 4.02 -11.71 -29.79
N VAL B 334 4.68 -10.91 -28.95
CA VAL B 334 5.80 -10.08 -29.41
C VAL B 334 7.08 -10.25 -28.58
N VAL B 335 8.21 -9.81 -29.14
CA VAL B 335 9.47 -9.81 -28.40
C VAL B 335 9.31 -8.95 -27.16
N ARG B 336 9.80 -9.45 -26.02
CA ARG B 336 9.70 -8.69 -24.76
C ARG B 336 10.20 -7.28 -24.91
N SER B 337 9.47 -6.34 -24.31
CA SER B 337 9.73 -4.92 -24.50
C SER B 337 11.16 -4.52 -24.10
N ALA B 338 11.71 -5.15 -23.06
CA ALA B 338 13.05 -4.80 -22.60
C ALA B 338 14.08 -5.07 -23.70
N THR B 339 13.75 -6.02 -24.57
CA THR B 339 14.59 -6.32 -25.71
C THR B 339 14.12 -5.55 -26.95
N ARG B 340 12.85 -5.67 -27.28
CA ARG B 340 12.30 -5.06 -28.49
C ARG B 340 12.51 -3.55 -28.52
N TRP B 341 12.28 -2.90 -27.39
CA TRP B 341 12.49 -1.45 -27.29
C TRP B 341 13.86 -1.09 -26.71
N GLY B 342 14.30 -1.83 -25.70
CA GLY B 342 15.49 -1.43 -24.94
C GLY B 342 16.75 -2.25 -25.16
N ALA B 343 16.87 -2.89 -26.32
CA ALA B 343 18.04 -3.73 -26.56
C ALA B 343 19.34 -2.93 -26.49
N ASP B 344 19.28 -1.70 -26.98
CA ASP B 344 20.48 -0.85 -27.01
C ASP B 344 20.50 0.13 -25.86
N GLU B 345 19.77 -0.17 -24.79
CA GLU B 345 19.69 0.69 -23.63
C GLU B 345 20.12 -0.06 -22.38
N ASP B 346 20.32 0.67 -21.29
CA ASP B 346 20.69 0.04 -20.04
C ASP B 346 19.55 -0.86 -19.58
N PRO B 347 19.83 -2.16 -19.44
CA PRO B 347 18.81 -3.16 -19.13
C PRO B 347 18.17 -2.95 -17.76
N HIS B 348 18.82 -2.21 -16.86
CA HIS B 348 18.26 -2.04 -15.54
C HIS B 348 17.46 -0.75 -15.39
N ALA B 349 17.94 0.32 -16.01
CA ALA B 349 17.29 1.62 -15.83
C ALA B 349 16.21 1.88 -16.88
N TYR B 350 16.42 1.39 -18.10
CA TYR B 350 15.47 1.67 -19.18
C TYR B 350 14.04 1.13 -18.97
N PRO B 351 13.89 -0.16 -18.60
CA PRO B 351 12.50 -0.64 -18.38
C PRO B 351 11.72 0.18 -17.33
N LYS B 352 12.43 0.73 -16.34
CA LYS B 352 11.79 1.56 -15.31
C LYS B 352 11.11 2.78 -15.91
N VAL B 353 11.86 3.54 -16.71
CA VAL B 353 11.30 4.75 -17.30
C VAL B 353 10.28 4.41 -18.40
N MET B 354 10.53 3.34 -19.15
CA MET B 354 9.58 2.91 -20.17
C MET B 354 8.24 2.58 -19.55
N LEU B 355 8.27 1.82 -18.46
CA LEU B 355 7.05 1.47 -17.73
C LEU B 355 6.42 2.70 -17.09
N ALA B 356 7.25 3.67 -16.71
CA ALA B 356 6.71 4.93 -16.17
C ALA B 356 5.89 5.66 -17.25
N VAL B 357 6.42 5.67 -18.47
CA VAL B 357 5.71 6.20 -19.62
C VAL B 357 4.40 5.45 -19.81
N LEU B 358 4.50 4.12 -19.92
CA LEU B 358 3.32 3.27 -20.12
C LEU B 358 2.22 3.60 -19.11
N PHE B 359 2.61 3.74 -17.84
CA PHE B 359 1.67 3.93 -16.75
C PHE B 359 1.16 5.36 -16.71
N SER B 360 1.81 6.23 -17.47
CA SER B 360 1.41 7.64 -17.47
C SER B 360 0.58 8.07 -18.69
N LEU B 361 0.48 7.21 -19.70
CA LEU B 361 -0.34 7.51 -20.88
C LEU B 361 -1.82 7.56 -20.51
N ARG B 362 -2.60 8.29 -21.29
CA ARG B 362 -4.03 8.33 -21.06
C ARG B 362 -4.65 7.06 -21.64
N GLY B 363 -5.12 6.18 -20.77
CA GLY B 363 -5.75 4.94 -21.20
C GLY B 363 -5.66 3.86 -20.12
N SER B 364 -6.22 2.70 -20.41
CA SER B 364 -5.96 1.52 -19.60
C SER B 364 -4.59 0.99 -19.99
N VAL B 365 -4.08 0.03 -19.23
CA VAL B 365 -2.78 -0.56 -19.49
C VAL B 365 -2.86 -2.08 -19.37
N CYS B 366 -2.21 -2.79 -20.29
CA CYS B 366 -1.93 -4.22 -20.10
C CYS B 366 -0.43 -4.39 -19.86
N LEU B 367 -0.09 -5.07 -18.78
CA LEU B 367 1.31 -5.29 -18.39
C LEU B 367 1.55 -6.78 -18.48
N TYR B 368 2.54 -7.20 -19.26
CA TYR B 368 2.77 -8.61 -19.52
C TYR B 368 3.61 -9.27 -18.44
N GLN B 369 3.24 -10.49 -18.07
CA GLN B 369 4.00 -11.22 -17.06
C GLN B 369 5.52 -11.22 -17.34
N GLY B 370 6.29 -10.75 -16.37
CA GLY B 370 7.73 -10.66 -16.52
C GLY B 370 8.16 -9.28 -16.91
N GLU B 371 7.25 -8.50 -17.48
CA GLU B 371 7.61 -7.15 -17.89
C GLU B 371 7.95 -6.27 -16.67
N GLU B 372 7.32 -6.56 -15.52
CA GLU B 372 7.58 -5.84 -14.28
C GLU B 372 8.94 -6.22 -13.68
N LEU B 373 9.54 -7.26 -14.24
CA LEU B 373 10.83 -7.73 -13.79
C LEU B 373 11.93 -7.27 -14.76
N GLY B 374 11.53 -6.57 -15.82
CA GLY B 374 12.46 -6.12 -16.84
C GLY B 374 13.06 -7.29 -17.59
N LEU B 375 12.30 -8.37 -17.75
CA LEU B 375 12.82 -9.54 -18.45
C LEU B 375 13.13 -9.28 -19.93
N PRO B 376 14.34 -9.65 -20.36
CA PRO B 376 14.71 -9.64 -21.79
C PRO B 376 14.12 -10.86 -22.52
N GLU B 377 14.01 -10.75 -23.84
CA GLU B 377 13.56 -11.85 -24.68
C GLU B 377 14.49 -13.04 -24.51
N ALA B 378 13.89 -14.23 -24.41
CA ALA B 378 14.65 -15.48 -24.28
C ALA B 378 15.06 -15.99 -25.65
N ASP B 379 16.20 -16.68 -25.70
CA ASP B 379 16.67 -17.33 -26.92
C ASP B 379 16.27 -18.80 -26.86
N VAL B 380 15.31 -19.19 -27.68
CA VAL B 380 14.88 -20.57 -27.68
C VAL B 380 15.58 -21.27 -28.84
N PRO B 381 16.31 -22.36 -28.54
CA PRO B 381 17.01 -23.11 -29.59
C PRO B 381 16.02 -23.83 -30.53
N PHE B 382 16.42 -23.97 -31.79
CA PHE B 382 15.61 -24.61 -32.83
C PHE B 382 14.92 -25.87 -32.34
N GLU B 383 15.69 -26.73 -31.66
CA GLU B 383 15.19 -28.01 -31.18
C GLU B 383 14.19 -27.91 -30.04
N ARG B 384 14.03 -26.72 -29.46
CA ARG B 384 13.08 -26.52 -28.36
C ARG B 384 11.85 -25.71 -28.76
N ILE B 385 11.83 -25.22 -30.00
CA ILE B 385 10.73 -24.41 -30.53
C ILE B 385 9.39 -25.14 -30.46
N GLN B 386 8.33 -24.45 -30.01
CA GLN B 386 7.03 -25.09 -29.86
C GLN B 386 6.00 -24.45 -30.78
N ASP B 387 6.03 -23.12 -30.82
CA ASP B 387 5.09 -22.33 -31.61
C ASP B 387 5.17 -22.71 -33.09
N PRO B 388 4.04 -23.11 -33.69
CA PRO B 388 4.09 -23.44 -35.11
C PRO B 388 4.46 -22.19 -35.94
N TYR B 389 4.14 -21.01 -35.41
CA TYR B 389 4.49 -19.76 -36.08
C TYR B 389 6.00 -19.56 -36.06
N GLY B 390 6.71 -20.39 -35.31
CA GLY B 390 8.16 -20.33 -35.30
C GLY B 390 8.84 -21.33 -36.22
N LYS B 391 8.06 -22.12 -36.96
CA LYS B 391 8.59 -23.14 -37.85
C LYS B 391 8.19 -22.95 -39.31
N VAL B 392 7.75 -21.76 -39.68
CA VAL B 392 7.30 -21.53 -41.05
C VAL B 392 8.14 -20.47 -41.76
N LEU B 393 8.80 -19.63 -40.98
CA LEU B 393 9.61 -18.51 -41.53
C LEU B 393 11.00 -18.51 -40.90
N TRP B 394 11.38 -19.63 -40.32
CA TRP B 394 12.70 -19.77 -39.71
C TRP B 394 13.76 -19.71 -40.80
N PRO B 395 14.86 -18.96 -40.56
CA PRO B 395 15.25 -18.22 -39.35
C PRO B 395 14.95 -16.73 -39.41
N GLU B 396 14.39 -16.24 -40.53
CA GLU B 396 14.03 -14.82 -40.61
C GLU B 396 13.08 -14.41 -39.48
N PHE B 397 12.15 -15.30 -39.12
CA PHE B 397 11.24 -15.07 -37.98
C PHE B 397 11.13 -16.36 -37.20
N LYS B 398 11.38 -16.31 -35.90
CA LYS B 398 11.53 -17.52 -35.11
C LYS B 398 10.35 -17.76 -34.16
N GLY B 399 9.21 -17.14 -34.47
CA GLY B 399 8.01 -17.36 -33.67
C GLY B 399 7.98 -16.61 -32.34
N ARG B 400 7.14 -17.08 -31.43
CA ARG B 400 6.78 -16.32 -30.24
C ARG B 400 7.29 -16.97 -28.95
N ASP B 401 8.03 -18.06 -29.07
CA ASP B 401 8.48 -18.78 -27.88
C ASP B 401 9.37 -17.93 -26.96
N GLY B 402 10.09 -16.98 -27.56
CA GLY B 402 11.00 -16.13 -26.79
C GLY B 402 10.34 -15.33 -25.67
N CYS B 403 9.05 -15.03 -25.81
CA CYS B 403 8.34 -14.29 -24.77
C CYS B 403 7.47 -15.20 -23.94
N ARG B 404 7.53 -16.50 -24.22
CA ARG B 404 6.66 -17.46 -23.55
C ARG B 404 7.43 -18.41 -22.61
N THR B 405 8.71 -18.14 -22.39
CA THR B 405 9.51 -18.99 -21.51
C THR B 405 9.06 -18.78 -20.06
N PRO B 406 9.20 -19.82 -19.21
CA PRO B 406 8.57 -19.80 -17.90
C PRO B 406 9.06 -18.69 -16.97
N MET B 407 8.14 -18.23 -16.14
CA MET B 407 8.36 -17.18 -15.18
C MET B 407 9.42 -17.57 -14.14
N PRO B 408 10.40 -16.70 -13.90
CA PRO B 408 11.45 -17.00 -12.93
C PRO B 408 11.06 -16.58 -11.50
N TRP B 409 10.57 -17.51 -10.69
CA TRP B 409 10.22 -17.16 -9.32
C TRP B 409 11.47 -17.10 -8.43
N THR B 410 12.37 -18.05 -8.60
CA THR B 410 13.61 -18.10 -7.83
C THR B 410 14.80 -18.18 -8.79
N ASP B 411 16.01 -18.12 -8.25
CA ASP B 411 17.22 -18.30 -9.06
C ASP B 411 17.70 -19.75 -8.98
N GLY B 412 16.87 -20.60 -8.40
CA GLY B 412 17.23 -22.01 -8.26
C GLY B 412 16.90 -22.81 -9.49
N GLU B 413 16.77 -24.12 -9.32
CA GLU B 413 16.53 -25.03 -10.42
C GLU B 413 15.21 -24.72 -11.14
N GLN B 414 15.30 -24.58 -12.46
CA GLN B 414 14.16 -24.24 -13.30
C GLN B 414 13.47 -22.95 -12.84
N GLY B 415 14.22 -22.10 -12.15
CA GLY B 415 13.70 -20.85 -11.63
C GLY B 415 12.54 -21.01 -10.68
N GLY B 416 12.36 -22.20 -10.13
CA GLY B 416 11.25 -22.45 -9.23
C GLY B 416 9.92 -22.61 -9.97
N PHE B 417 9.97 -22.68 -11.29
CA PHE B 417 8.75 -22.80 -12.09
C PHE B 417 8.19 -24.22 -12.04
N SER B 418 9.07 -25.21 -12.02
CA SER B 418 8.64 -26.60 -12.09
C SER B 418 9.69 -27.55 -11.53
N PRO B 419 9.26 -28.68 -10.94
CA PRO B 419 10.21 -29.67 -10.46
C PRO B 419 10.87 -30.45 -11.60
N VAL B 420 10.30 -30.33 -12.81
CA VAL B 420 10.80 -31.04 -13.99
C VAL B 420 11.17 -30.06 -15.11
N GLU B 421 11.60 -30.60 -16.25
CA GLU B 421 11.95 -29.75 -17.38
C GLU B 421 10.70 -29.12 -17.96
N PRO B 422 10.64 -27.78 -17.97
CA PRO B 422 9.40 -27.12 -18.42
C PRO B 422 9.21 -27.24 -19.93
N TRP B 423 8.00 -26.95 -20.40
CA TRP B 423 7.62 -27.15 -21.80
C TRP B 423 8.44 -26.23 -22.72
N LEU B 424 8.90 -25.12 -22.16
CA LEU B 424 9.92 -24.29 -22.81
C LEU B 424 11.05 -24.09 -21.81
N PRO B 425 12.29 -23.93 -22.32
CA PRO B 425 13.43 -23.80 -21.40
C PRO B 425 13.41 -22.51 -20.58
N MET B 426 13.72 -22.64 -19.28
CA MET B 426 13.98 -21.46 -18.44
C MET B 426 15.21 -20.73 -18.98
N GLU B 427 15.09 -19.42 -19.14
CA GLU B 427 16.19 -18.62 -19.66
C GLU B 427 17.19 -18.28 -18.55
N ALA B 428 18.46 -18.61 -18.77
CA ALA B 428 19.49 -18.39 -17.76
C ALA B 428 19.54 -16.96 -17.24
N ARG B 429 19.49 -16.00 -18.16
CA ARG B 429 19.49 -14.59 -17.76
C ARG B 429 18.28 -14.20 -16.89
N HIS B 430 17.21 -14.99 -16.94
CA HIS B 430 16.01 -14.66 -16.15
C HIS B 430 16.22 -14.99 -14.68
N LEU B 431 17.10 -15.95 -14.41
CA LEU B 431 17.37 -16.44 -13.07
C LEU B 431 17.89 -15.36 -12.12
N GLU B 432 18.83 -14.54 -12.60
CA GLU B 432 19.37 -13.46 -11.78
C GLU B 432 18.39 -12.31 -11.67
N LEU B 433 17.32 -12.37 -12.47
CA LEU B 433 16.28 -11.36 -12.41
C LEU B 433 15.02 -11.90 -11.70
N ALA B 434 15.15 -13.09 -11.11
CA ALA B 434 14.01 -13.76 -10.49
C ALA B 434 13.28 -12.92 -9.44
N VAL B 435 12.05 -13.32 -9.13
CA VAL B 435 11.24 -12.57 -8.18
C VAL B 435 11.90 -12.54 -6.81
N SER B 436 12.47 -13.67 -6.40
CA SER B 436 13.11 -13.79 -5.10
C SER B 436 14.34 -12.89 -4.99
N ARG B 437 15.04 -12.71 -6.09
CA ARG B 437 16.25 -11.90 -6.12
C ARG B 437 15.86 -10.44 -6.14
N GLN B 438 14.61 -10.18 -6.48
CA GLN B 438 14.24 -8.82 -6.81
C GLN B 438 13.28 -8.27 -5.76
N GLN B 439 12.65 -9.19 -5.01
CA GLN B 439 11.60 -8.87 -4.05
C GLN B 439 12.02 -7.86 -2.99
N ASP B 440 13.24 -8.00 -2.48
CA ASP B 440 13.66 -7.18 -1.36
C ASP B 440 14.73 -6.19 -1.78
N ASP B 441 14.86 -5.99 -3.09
CA ASP B 441 15.74 -4.97 -3.64
C ASP B 441 14.91 -3.73 -4.02
N PRO B 442 15.06 -2.64 -3.24
CA PRO B 442 14.27 -1.43 -3.47
C PRO B 442 14.67 -0.67 -4.74
N ASN B 443 15.78 -1.05 -5.37
CA ASN B 443 16.18 -0.45 -6.65
C ASN B 443 15.86 -1.35 -7.84
N ALA B 444 15.34 -2.54 -7.55
CA ALA B 444 15.03 -3.47 -8.64
C ALA B 444 13.71 -3.09 -9.29
N THR B 445 13.58 -3.47 -10.56
CA THR B 445 12.46 -3.03 -11.39
C THR B 445 11.09 -3.41 -10.83
N LEU B 446 11.00 -4.57 -10.19
CA LEU B 446 9.75 -4.99 -9.55
C LEU B 446 9.22 -3.91 -8.63
N ASN B 447 10.11 -3.42 -7.76
CA ASN B 447 9.68 -2.46 -6.75
C ASN B 447 9.46 -1.09 -7.36
N THR B 448 10.16 -0.81 -8.45
CA THR B 448 9.90 0.43 -9.19
C THR B 448 8.47 0.38 -9.70
N VAL B 449 8.06 -0.78 -10.22
CA VAL B 449 6.70 -0.96 -10.71
C VAL B 449 5.66 -0.85 -9.62
N ARG B 450 5.90 -1.52 -8.49
CA ARG B 450 5.01 -1.37 -7.32
C ARG B 450 4.84 0.10 -6.94
N ALA B 451 5.95 0.83 -6.91
CA ALA B 451 5.91 2.22 -6.49
C ALA B 451 5.14 3.09 -7.50
N LEU B 452 5.47 2.88 -8.78
CA LEU B 452 4.82 3.61 -9.86
C LEU B 452 3.32 3.39 -9.85
N LEU B 453 2.88 2.15 -9.66
CA LEU B 453 1.45 1.86 -9.69
C LEU B 453 0.71 2.33 -8.43
N ALA B 454 1.35 2.25 -7.27
CA ALA B 454 0.73 2.85 -6.09
C ALA B 454 0.59 4.39 -6.26
N PHE B 455 1.63 5.00 -6.82
CA PHE B 455 1.62 6.43 -7.15
C PHE B 455 0.50 6.81 -8.11
N ARG B 456 0.40 6.05 -9.22
CA ARG B 456 -0.64 6.25 -10.22
C ARG B 456 -1.98 6.18 -9.54
N ARG B 457 -2.09 5.20 -8.64
CA ARG B 457 -3.32 4.98 -7.93
C ARG B 457 -3.65 6.17 -7.02
N SER B 458 -2.62 6.92 -6.61
CA SER B 458 -2.87 8.06 -5.70
C SER B 458 -3.25 9.39 -6.36
N HIS B 459 -3.27 9.45 -7.69
CA HIS B 459 -3.55 10.71 -8.37
C HIS B 459 -4.61 10.54 -9.44
N PRO B 460 -5.79 11.13 -9.23
CA PRO B 460 -6.93 10.98 -10.15
C PRO B 460 -6.60 11.28 -11.60
N ALA B 461 -5.72 12.26 -11.84
CA ALA B 461 -5.34 12.65 -13.18
C ALA B 461 -4.61 11.53 -13.92
N LEU B 462 -3.96 10.66 -13.15
CA LEU B 462 -3.24 9.56 -13.74
C LEU B 462 -4.13 8.34 -13.95
N PHE B 463 -5.40 8.45 -13.54
CA PHE B 463 -6.34 7.37 -13.82
C PHE B 463 -6.97 7.56 -15.20
N ASP B 464 -7.65 8.68 -15.39
CA ASP B 464 -8.37 8.90 -16.64
C ASP B 464 -8.43 10.37 -17.01
N GLY B 465 -7.42 11.14 -16.61
CA GLY B 465 -7.39 12.56 -16.89
C GLY B 465 -7.04 12.83 -18.34
N ASP B 466 -7.41 14.01 -18.83
CA ASP B 466 -7.07 14.40 -20.20
C ASP B 466 -5.57 14.49 -20.32
N LEU B 467 -5.07 14.38 -21.55
CA LEU B 467 -3.64 14.49 -21.79
C LEU B 467 -3.37 15.58 -22.82
N SER B 468 -2.41 16.44 -22.53
CA SER B 468 -1.98 17.45 -23.51
C SER B 468 -0.48 17.40 -23.61
N LEU B 469 0.03 17.12 -24.81
CA LEU B 469 1.46 17.10 -25.03
C LEU B 469 2.00 18.51 -24.84
N VAL B 470 3.22 18.62 -24.31
CA VAL B 470 3.85 19.92 -24.16
C VAL B 470 5.27 19.87 -24.72
N ASP B 471 5.74 21.02 -25.19
CA ASP B 471 7.07 21.10 -25.78
C ASP B 471 8.13 21.00 -24.70
N VAL B 472 9.01 20.00 -24.84
CA VAL B 472 10.02 19.70 -23.85
C VAL B 472 11.23 19.23 -24.66
N GLY B 473 11.18 19.49 -25.95
CA GLY B 473 12.28 19.13 -26.82
C GLY B 473 12.11 17.76 -27.43
N ASP B 474 13.01 17.41 -28.34
CA ASP B 474 12.90 16.19 -29.11
C ASP B 474 13.27 14.93 -28.34
N ASP B 475 14.16 15.05 -27.36
CA ASP B 475 14.70 13.87 -26.70
C ASP B 475 14.07 13.63 -25.32
N LEU B 476 12.98 14.32 -25.05
CA LEU B 476 12.22 14.06 -23.84
C LEU B 476 10.77 13.92 -24.26
N LEU B 477 9.99 13.17 -23.49
CA LEU B 477 8.57 13.09 -23.76
C LEU B 477 7.87 13.80 -22.63
N GLY B 478 6.98 14.73 -22.95
CA GLY B 478 6.39 15.53 -21.91
C GLY B 478 4.94 15.80 -22.20
N PHE B 479 4.12 15.74 -21.15
CA PHE B 479 2.72 16.09 -21.28
C PHE B 479 2.11 16.43 -19.93
N THR B 480 0.93 17.04 -19.95
CA THR B 480 0.15 17.24 -18.74
C THR B 480 -1.03 16.27 -18.70
N ARG B 481 -1.38 15.85 -17.50
CA ARG B 481 -2.58 15.05 -17.27
C ARG B 481 -3.49 15.84 -16.35
N GLN B 482 -4.76 15.97 -16.71
CA GLN B 482 -5.65 16.80 -15.91
C GLN B 482 -6.98 16.14 -15.55
N LYS B 483 -7.31 16.22 -14.26
CA LYS B 483 -8.65 15.90 -13.77
C LYS B 483 -8.98 16.74 -12.55
N GLY B 484 -10.06 17.53 -12.67
CA GLY B 484 -10.49 18.44 -11.62
C GLY B 484 -9.39 19.44 -11.33
N ASP B 485 -9.18 19.72 -10.05
CA ASP B 485 -8.12 20.65 -9.63
C ASP B 485 -6.71 20.17 -9.90
N GLU B 486 -6.59 18.87 -10.17
CA GLU B 486 -5.27 18.29 -10.29
C GLU B 486 -4.82 18.31 -11.74
N THR B 487 -3.68 18.97 -11.95
CA THR B 487 -2.99 18.94 -13.21
C THR B 487 -1.56 18.56 -12.91
N LEU B 488 -1.07 17.51 -13.55
CA LEU B 488 0.28 17.03 -13.32
C LEU B 488 1.08 17.18 -14.59
N LEU B 489 2.35 17.50 -14.41
CA LEU B 489 3.30 17.56 -15.50
C LEU B 489 4.20 16.34 -15.43
N CYS B 490 4.19 15.56 -16.50
CA CYS B 490 4.95 14.32 -16.57
C CYS B 490 5.99 14.46 -17.64
N VAL B 491 7.26 14.29 -17.27
CA VAL B 491 8.36 14.40 -18.22
C VAL B 491 9.29 13.19 -18.11
N PHE B 492 9.64 12.62 -19.26
CA PHE B 492 10.38 11.36 -19.27
C PHE B 492 11.59 11.43 -20.17
N ASN B 493 12.70 10.93 -19.63
CA ASN B 493 13.89 10.75 -20.41
C ASN B 493 14.09 9.29 -20.76
N LEU B 494 13.75 8.92 -21.99
CA LEU B 494 13.90 7.55 -22.44
C LEU B 494 15.31 7.28 -22.98
N THR B 495 16.14 8.32 -23.05
CA THR B 495 17.50 8.16 -23.60
C THR B 495 18.51 7.85 -22.50
N GLY B 496 19.67 7.35 -22.90
CA GLY B 496 20.74 7.05 -21.97
C GLY B 496 21.66 8.23 -21.74
N GLN B 497 21.18 9.43 -22.07
CA GLN B 497 21.94 10.65 -21.88
C GLN B 497 21.17 11.73 -21.14
N GLU B 498 21.87 12.52 -20.35
CA GLU B 498 21.26 13.61 -19.62
C GLU B 498 20.59 14.57 -20.58
N GLN B 499 19.45 15.10 -20.17
CA GLN B 499 18.68 16.01 -21.00
C GLN B 499 18.20 17.17 -20.16
N GLN B 500 17.81 18.26 -20.80
CA GLN B 500 17.40 19.47 -20.10
C GLN B 500 16.38 20.22 -20.94
N THR B 501 15.45 20.90 -20.29
CA THR B 501 14.41 21.65 -20.99
C THR B 501 13.93 22.79 -20.12
N THR B 502 13.35 23.83 -20.74
CA THR B 502 12.59 24.83 -19.97
C THR B 502 11.12 24.42 -19.88
N LEU B 503 10.55 24.54 -18.69
CA LEU B 503 9.18 24.12 -18.43
C LEU B 503 8.13 25.07 -19.02
N PRO B 504 7.15 24.53 -19.76
CA PRO B 504 6.12 25.34 -20.42
C PRO B 504 5.02 25.83 -19.48
N VAL B 505 4.95 25.24 -18.29
CA VAL B 505 4.02 25.71 -17.26
C VAL B 505 4.78 25.91 -15.95
N GLU B 506 4.09 26.42 -14.93
CA GLU B 506 4.76 26.65 -13.65
C GLU B 506 4.47 25.53 -12.66
N VAL B 507 5.54 25.03 -12.04
CA VAL B 507 5.46 23.89 -11.14
C VAL B 507 5.18 24.34 -9.70
N ALA B 508 4.14 23.77 -9.09
CA ALA B 508 3.90 23.99 -7.67
C ALA B 508 4.87 23.15 -6.83
N SER B 509 4.91 21.84 -7.06
CA SER B 509 5.81 20.98 -6.29
C SER B 509 6.34 19.80 -7.09
N ASP B 510 7.45 19.24 -6.62
CA ASP B 510 8.00 18.00 -7.13
C ASP B 510 7.28 16.83 -6.45
N LEU B 511 7.09 15.73 -7.18
CA LEU B 511 6.46 14.53 -6.62
C LEU B 511 7.46 13.40 -6.52
N PRO B 512 7.70 12.90 -5.31
CA PRO B 512 8.63 11.79 -5.15
C PRO B 512 7.96 10.48 -5.61
N VAL B 513 8.67 9.73 -6.46
CA VAL B 513 8.16 8.49 -7.02
C VAL B 513 9.35 7.57 -7.19
N ALA B 514 9.27 6.36 -6.63
CA ALA B 514 10.35 5.39 -6.76
C ALA B 514 11.67 6.03 -6.36
N HIS B 515 12.73 5.78 -7.12
CA HIS B 515 14.00 6.44 -6.88
C HIS B 515 14.41 7.34 -8.05
N PHE B 516 13.42 7.83 -8.79
CA PHE B 516 13.71 8.73 -9.90
C PHE B 516 14.27 10.05 -9.36
N THR B 517 15.20 10.62 -10.12
CA THR B 517 15.95 11.81 -9.70
C THR B 517 15.91 12.84 -10.80
N ALA B 518 15.47 14.05 -10.47
CA ALA B 518 15.44 15.15 -11.43
C ALA B 518 15.72 16.49 -10.74
N THR B 519 16.46 17.36 -11.42
CA THR B 519 16.82 18.65 -10.83
C THR B 519 15.97 19.77 -11.41
N ARG B 520 15.13 20.39 -10.58
CA ARG B 520 14.32 21.52 -11.03
C ARG B 520 14.83 22.86 -10.47
N ASP B 521 15.44 23.66 -11.33
CA ASP B 521 15.97 24.97 -10.95
C ASP B 521 15.18 26.06 -11.66
N GLY B 522 14.24 26.65 -10.93
CA GLY B 522 13.37 27.68 -11.48
C GLY B 522 12.45 27.11 -12.53
N SER B 523 12.69 27.50 -13.78
CA SER B 523 11.87 27.06 -14.89
C SER B 523 12.67 26.08 -15.73
N THR B 524 13.86 25.72 -15.27
CA THR B 524 14.65 24.77 -16.04
C THR B 524 14.74 23.42 -15.34
N LEU B 525 14.32 22.39 -16.06
CA LEU B 525 14.33 21.01 -15.57
C LEU B 525 15.43 20.17 -16.23
N THR B 526 16.15 19.45 -15.39
CA THR B 526 17.21 18.55 -15.82
C THR B 526 16.84 17.11 -15.45
N LEU B 527 16.97 16.21 -16.42
CA LEU B 527 16.76 14.78 -16.17
C LEU B 527 17.99 14.00 -16.56
N PRO B 528 18.63 13.35 -15.58
CA PRO B 528 19.71 12.39 -15.85
C PRO B 528 19.17 11.23 -16.68
N ALA B 529 20.07 10.39 -17.18
CA ALA B 529 19.69 9.29 -18.06
C ALA B 529 18.56 8.45 -17.45
N TYR B 530 17.55 8.17 -18.27
CA TYR B 530 16.44 7.26 -17.92
C TYR B 530 15.62 7.70 -16.71
N GLN B 531 15.66 8.99 -16.39
CA GLN B 531 14.88 9.46 -15.25
C GLN B 531 13.52 9.99 -15.68
N ALA B 532 12.56 9.87 -14.79
CA ALA B 532 11.25 10.47 -14.99
C ALA B 532 11.07 11.58 -13.96
N ALA B 533 10.07 12.41 -14.18
CA ALA B 533 9.79 13.50 -13.27
C ALA B 533 8.31 13.82 -13.28
N PHE B 534 7.73 13.81 -12.10
CA PHE B 534 6.33 14.15 -11.94
C PHE B 534 6.24 15.41 -11.10
N MET B 535 5.42 16.35 -11.54
CA MET B 535 5.30 17.62 -10.84
C MET B 535 3.85 18.05 -10.77
N GLN B 536 3.43 18.63 -9.66
CA GLN B 536 2.12 19.24 -9.64
C GLN B 536 2.18 20.63 -10.27
N VAL B 537 1.20 20.95 -11.11
CA VAL B 537 1.22 22.23 -11.82
C VAL B 537 0.35 23.28 -11.15
N ALA B 538 0.89 24.48 -11.00
CA ALA B 538 0.13 25.60 -10.45
C ALA B 538 -0.94 26.04 -11.45
#